data_6ZJW
#
_entry.id   6ZJW
#
_cell.length_a   139.284
_cell.length_b   139.284
_cell.length_c   127.816
_cell.angle_alpha   90.000
_cell.angle_beta   90.000
_cell.angle_gamma   120.000
#
_symmetry.space_group_name_H-M   'P 31 2 1'
#
loop_
_entity.id
_entity.type
_entity.pdbx_description
1 polymer Beta-galactosidase
2 non-polymer beta-D-galactopyranose
3 water water
#
_entity_poly.entity_id   1
_entity_poly.type   'polypeptide(L)'
_entity_poly.pdbx_seq_one_letter_code
;MSVETPSALADSSPHTAPGSAGRSLELGAADIQDLESFEAGRGALPARAYLQSDAPRLSLNGEWQFRLSPGSRVAPDDGW
QLGEALNGFESLPVPSSWPMHGHGAPAYTNVQFPFAVEPPHVPEANPIGDHLVVFEAGPEFFPHALLRFDGIESAGTVWL
NGVELGTTRGSRLAHEFDVSGILEQGENTLAVRVAQFSAASYVEDQAMWWLPGIFRDVTLQARPAAGIDDVFVHAGYDHI
TGEGILKVEASRGGQAIDAVVRVPELALELAAGTEVRVPAVEPWSAEVPKLYEAAVSAAGESVALQIGFRSIAIEDAQFK
VNGRRILLRGVNRHEHHPRLGRVVPRDVVEAELRLMKQHNINAIRTSHYPPHPQFLALADQLGFYVVLECDLETHGFESA
GWAQNPSDDPQWEDALVDRMRRTVERDKNHASVVMWSLGNEAGTGRNLAAMSRWTKDRDPSRPIHYEGDWSSEHVDVYSR
MYASQAETALIGQGIEPALNDAALDARRRAMPFVLCEYVHAMGNGPGGMSEYQALFEKYPRLMGGFVWEWLEHGITVSTA
DGVDHYGYGGDFGEEVHDGNFVTDGLVDADRRPRPGLLDFKKVIEPLRIDVARDWTGFTLRNGQDFADTSAFSFRYEVEA
DGGALDGGTVDVAPVAPQSETVVELPGSVAALAAGLSDGRPAVLTVRAVLGADSAWADAGHEVAWGQSVREPGAPVPPAP
VEPVQVQDSELTLGPVVFSRATGMPTSIGGVPVEKLGLTLWWAPTDNDLGREWGGADERPLATQWKDAGLNRLHTRLLGI
SANPGQDGGETLTVRTRVSAADKQYGVLVDYTWSTDGETVGLRTQVRRDGTWVNRGFEVEWARIGLEFVLGEETELVSWF
GQGPHQSYPDTGQGARAGWFSLPLAKMDVEYVRPQECGARSGSRSAALQLGGRTLEICGDPFALTVRPYSQDVLDAAAHR
PDLKADGRTYLYVDHALRGVGTAACGPGVLEQYRLKPRDADFILTLKVRS
;
_entity_poly.pdbx_strand_id   A
#
loop_
_chem_comp.id
_chem_comp.type
_chem_comp.name
_chem_comp.formula
GAL D-saccharide, beta linking beta-D-galactopyranose 'C6 H12 O6'
#
# COMPACT_ATOMS: atom_id res chain seq x y z
N GLY A 22 -16.27 -8.48 -55.58
CA GLY A 22 -15.37 -7.97 -54.56
C GLY A 22 -14.56 -9.07 -53.89
N ARG A 23 -13.46 -9.45 -54.52
CA ARG A 23 -12.55 -10.44 -53.94
C ARG A 23 -12.03 -9.92 -52.60
N SER A 24 -11.86 -10.83 -51.63
CA SER A 24 -11.40 -10.48 -50.30
C SER A 24 -10.01 -11.08 -50.09
N LEU A 25 -9.03 -10.23 -49.81
CA LEU A 25 -7.62 -10.63 -49.89
C LEU A 25 -6.85 -10.38 -48.60
N GLU A 26 -7.53 -10.00 -47.51
CA GLU A 26 -6.86 -9.72 -46.21
C GLU A 26 -6.46 -11.05 -45.55
N LEU A 27 -5.43 -11.02 -44.70
CA LEU A 27 -4.91 -12.19 -44.01
C LEU A 27 -5.38 -12.21 -42.56
N GLY A 28 -5.66 -13.41 -42.06
CA GLY A 28 -6.00 -13.58 -40.66
C GLY A 28 -7.34 -13.03 -40.24
N ALA A 29 -8.27 -12.88 -41.19
CA ALA A 29 -9.57 -12.29 -40.86
C ALA A 29 -10.37 -13.18 -39.91
N ALA A 30 -10.12 -14.49 -39.92
CA ALA A 30 -10.88 -15.39 -39.06
C ALA A 30 -10.40 -15.33 -37.62
N ASP A 31 -9.08 -15.32 -37.41
CA ASP A 31 -8.56 -15.19 -36.04
C ASP A 31 -8.98 -13.87 -35.42
N ILE A 32 -9.09 -12.80 -36.22
CA ILE A 32 -9.45 -11.50 -35.68
C ILE A 32 -10.92 -11.49 -35.25
N GLN A 33 -11.81 -12.06 -36.08
CA GLN A 33 -13.22 -12.12 -35.71
C GLN A 33 -13.40 -12.79 -34.36
N ASP A 34 -12.65 -13.86 -34.09
CA ASP A 34 -12.74 -14.53 -32.80
C ASP A 34 -12.28 -13.60 -31.67
N LEU A 35 -11.18 -12.89 -31.87
CA LEU A 35 -10.71 -11.95 -30.85
C LEU A 35 -11.73 -10.85 -30.60
N GLU A 36 -12.54 -10.52 -31.61
CA GLU A 36 -13.56 -9.48 -31.50
C GLU A 36 -14.87 -10.00 -30.92
N SER A 37 -14.92 -11.25 -30.49
CA SER A 37 -16.17 -11.84 -30.03
C SER A 37 -16.62 -11.21 -28.72
N PHE A 38 -17.93 -10.93 -28.63
CA PHE A 38 -18.54 -10.45 -27.40
C PHE A 38 -18.81 -11.55 -26.38
N GLU A 39 -18.57 -12.81 -26.74
CA GLU A 39 -19.02 -13.93 -25.94
C GLU A 39 -17.91 -14.46 -25.04
N ALA A 40 -18.32 -15.22 -24.02
CA ALA A 40 -17.38 -15.93 -23.19
C ALA A 40 -16.65 -16.99 -24.01
N GLY A 41 -15.60 -17.56 -23.41
CA GLY A 41 -14.91 -18.66 -24.07
C GLY A 41 -15.87 -19.80 -24.36
N ARG A 42 -15.52 -20.60 -25.37
CA ARG A 42 -16.35 -21.71 -25.79
C ARG A 42 -15.71 -23.05 -25.45
N GLY A 43 -16.55 -24.06 -25.26
CA GLY A 43 -16.09 -25.42 -25.12
C GLY A 43 -15.52 -25.80 -23.77
N ALA A 44 -15.94 -25.13 -22.70
CA ALA A 44 -15.36 -25.35 -21.38
C ALA A 44 -16.39 -25.95 -20.43
N LEU A 45 -15.89 -26.64 -19.41
CA LEU A 45 -16.74 -27.26 -18.41
C LEU A 45 -17.34 -26.20 -17.48
N PRO A 46 -18.44 -26.54 -16.79
CA PRO A 46 -19.07 -25.56 -15.90
C PRO A 46 -18.11 -25.04 -14.84
N ALA A 47 -18.36 -23.80 -14.41
CA ALA A 47 -17.55 -23.19 -13.37
C ALA A 47 -17.80 -23.85 -12.02
N ARG A 48 -16.74 -24.02 -11.23
CA ARG A 48 -16.83 -24.74 -9.98
C ARG A 48 -15.75 -24.23 -9.03
N ALA A 49 -15.72 -24.81 -7.84
CA ALA A 49 -14.75 -24.45 -6.81
C ALA A 49 -13.39 -25.06 -7.09
N TYR A 50 -12.34 -24.37 -6.65
CA TYR A 50 -11.00 -24.94 -6.59
C TYR A 50 -10.91 -25.79 -5.33
N LEU A 51 -10.71 -27.10 -5.50
CA LEU A 51 -10.84 -28.07 -4.42
C LEU A 51 -9.60 -28.93 -4.29
N GLN A 52 -9.20 -29.19 -3.05
CA GLN A 52 -8.12 -30.13 -2.76
C GLN A 52 -8.70 -31.54 -2.82
N SER A 53 -8.32 -32.31 -3.83
CA SER A 53 -8.86 -33.64 -4.06
C SER A 53 -7.75 -34.67 -4.06
N ASP A 54 -8.13 -35.92 -3.78
CA ASP A 54 -7.20 -37.05 -3.89
C ASP A 54 -7.13 -37.60 -5.31
N ALA A 55 -7.88 -37.03 -6.24
CA ALA A 55 -7.82 -37.49 -7.62
C ALA A 55 -6.41 -37.28 -8.17
N PRO A 56 -5.91 -38.18 -9.02
CA PRO A 56 -4.56 -38.00 -9.58
C PRO A 56 -4.45 -36.69 -10.35
N ARG A 57 -3.26 -36.10 -10.29
CA ARG A 57 -3.03 -34.81 -10.93
C ARG A 57 -1.57 -34.72 -11.36
N LEU A 58 -1.34 -34.00 -12.46
CA LEU A 58 0.00 -33.75 -12.98
C LEU A 58 0.11 -32.28 -13.37
N SER A 59 1.05 -31.57 -12.74
CA SER A 59 1.29 -30.17 -13.08
C SER A 59 2.17 -30.09 -14.32
N LEU A 60 1.63 -29.49 -15.38
CA LEU A 60 2.39 -29.31 -16.61
C LEU A 60 3.30 -28.09 -16.56
N ASN A 61 3.41 -27.44 -15.40
CA ASN A 61 4.34 -26.32 -15.26
C ASN A 61 5.77 -26.78 -15.48
N GLY A 62 6.56 -25.95 -16.13
CA GLY A 62 7.95 -26.27 -16.40
C GLY A 62 8.47 -25.46 -17.58
N GLU A 63 9.35 -26.09 -18.34
CA GLU A 63 9.99 -25.47 -19.49
C GLU A 63 9.18 -25.79 -20.74
N TRP A 64 8.50 -24.77 -21.28
CA TRP A 64 7.74 -24.91 -22.51
C TRP A 64 8.53 -24.33 -23.68
N GLN A 65 7.95 -24.44 -24.88
CA GLN A 65 8.48 -23.84 -26.08
C GLN A 65 7.55 -22.73 -26.56
N PHE A 66 8.12 -21.70 -27.16
CA PHE A 66 7.39 -20.45 -27.33
C PHE A 66 7.83 -19.74 -28.60
N ARG A 67 6.87 -19.07 -29.25
CA ARG A 67 7.10 -18.31 -30.46
C ARG A 67 6.21 -17.07 -30.44
N LEU A 68 6.74 -15.94 -30.93
CA LEU A 68 6.04 -14.66 -30.88
C LEU A 68 5.91 -14.07 -32.27
N SER A 69 4.70 -13.60 -32.61
CA SER A 69 4.43 -12.89 -33.84
C SER A 69 3.85 -11.51 -33.51
N PRO A 70 4.08 -10.51 -34.36
CA PRO A 70 3.60 -9.16 -34.03
C PRO A 70 2.09 -8.98 -34.16
N GLY A 71 1.39 -9.87 -34.85
CA GLY A 71 -0.04 -9.72 -35.02
C GLY A 71 -0.65 -10.98 -35.59
N SER A 72 -1.99 -10.98 -35.61
CA SER A 72 -2.73 -12.14 -36.08
C SER A 72 -2.47 -12.39 -37.56
N ARG A 73 -2.37 -11.32 -38.36
CA ARG A 73 -2.30 -11.47 -39.81
C ARG A 73 -1.01 -12.13 -40.26
N VAL A 74 0.04 -12.10 -39.44
CA VAL A 74 1.30 -12.75 -39.76
C VAL A 74 1.61 -13.90 -38.81
N ALA A 75 0.65 -14.29 -37.98
CA ALA A 75 0.82 -15.47 -37.15
C ALA A 75 0.82 -16.71 -38.03
N PRO A 76 1.90 -17.48 -38.09
CA PRO A 76 1.96 -18.59 -39.05
C PRO A 76 0.88 -19.63 -38.78
N ASP A 77 0.24 -20.08 -39.85
CA ASP A 77 -0.71 -21.20 -39.81
C ASP A 77 -0.03 -22.50 -40.24
N ASP A 78 1.23 -22.70 -39.83
CA ASP A 78 1.94 -23.93 -40.14
C ASP A 78 1.45 -25.06 -39.24
N GLY A 79 2.22 -26.14 -39.12
CA GLY A 79 1.77 -27.29 -38.38
C GLY A 79 2.21 -27.31 -36.93
N TRP A 80 2.43 -26.13 -36.34
CA TRP A 80 3.09 -26.05 -35.05
C TRP A 80 2.33 -26.79 -33.95
N GLN A 81 1.00 -26.87 -34.07
CA GLN A 81 0.20 -27.47 -33.00
C GLN A 81 0.52 -28.94 -32.79
N LEU A 82 1.04 -29.63 -33.80
CA LEU A 82 1.32 -31.06 -33.66
C LEU A 82 2.67 -31.35 -33.03
N GLY A 83 3.58 -30.37 -33.00
CA GLY A 83 4.83 -30.50 -32.29
C GLY A 83 6.00 -30.96 -33.13
N GLU A 84 5.77 -31.33 -34.38
CA GLU A 84 6.83 -31.83 -35.25
C GLU A 84 7.32 -30.73 -36.17
N ALA A 85 8.63 -30.70 -36.40
CA ALA A 85 9.26 -29.71 -37.27
C ALA A 85 9.00 -28.29 -36.78
N LEU A 86 9.34 -28.06 -35.51
CA LEU A 86 9.17 -26.73 -34.92
C LEU A 86 10.18 -25.75 -35.48
N ASN A 87 9.68 -24.68 -36.07
CA ASN A 87 10.55 -23.62 -36.67
C ASN A 87 10.34 -22.30 -35.92
N GLY A 88 11.37 -21.84 -35.22
CA GLY A 88 11.35 -20.53 -34.57
C GLY A 88 10.92 -20.53 -33.13
N PHE A 89 10.88 -21.67 -32.47
CA PHE A 89 10.53 -21.76 -31.06
C PHE A 89 11.79 -21.79 -30.21
N GLU A 90 11.71 -21.15 -29.04
CA GLU A 90 12.77 -21.21 -28.04
C GLU A 90 12.15 -21.53 -26.70
N SER A 91 13.00 -21.78 -25.71
CA SER A 91 12.54 -22.17 -24.38
C SER A 91 11.95 -20.99 -23.64
N LEU A 92 10.92 -21.27 -22.84
CA LEU A 92 10.28 -20.25 -22.01
C LEU A 92 9.64 -20.94 -20.82
N PRO A 93 9.72 -20.39 -19.61
CA PRO A 93 9.03 -21.00 -18.47
C PRO A 93 7.53 -20.73 -18.49
N VAL A 94 6.80 -21.63 -17.84
CA VAL A 94 5.35 -21.50 -17.69
C VAL A 94 4.99 -21.95 -16.29
N PRO A 95 4.19 -21.19 -15.53
CA PRO A 95 3.55 -19.92 -15.92
C PRO A 95 4.53 -18.76 -16.05
N SER A 96 4.13 -17.73 -16.79
CA SER A 96 5.01 -16.61 -17.09
C SER A 96 4.20 -15.42 -17.59
N SER A 97 4.76 -14.23 -17.41
CA SER A 97 4.30 -12.97 -18.06
C SER A 97 5.42 -12.77 -19.08
N TRP A 98 5.16 -12.98 -20.37
CA TRP A 98 6.27 -13.14 -21.31
C TRP A 98 7.03 -11.83 -21.60
N PRO A 99 6.48 -10.64 -21.33
CA PRO A 99 7.34 -9.44 -21.39
C PRO A 99 8.40 -9.41 -20.31
N MET A 100 8.25 -10.19 -19.23
CA MET A 100 9.26 -10.28 -18.19
C MET A 100 10.48 -11.08 -18.61
N HIS A 101 10.48 -11.66 -19.82
CA HIS A 101 11.55 -12.55 -20.25
C HIS A 101 12.10 -12.13 -21.61
N GLY A 102 12.03 -10.83 -21.93
CA GLY A 102 12.66 -10.30 -23.11
C GLY A 102 11.80 -10.29 -24.36
N HIS A 103 10.57 -10.79 -24.29
CA HIS A 103 9.67 -10.84 -25.44
C HIS A 103 8.74 -9.63 -25.36
N GLY A 104 9.07 -8.59 -26.12
CA GLY A 104 8.38 -7.33 -25.97
C GLY A 104 8.87 -6.59 -24.73
N ALA A 105 7.99 -5.81 -24.14
CA ALA A 105 8.35 -5.05 -22.94
C ALA A 105 7.07 -4.73 -22.19
N PRO A 106 7.16 -4.50 -20.88
CA PRO A 106 5.97 -4.04 -20.13
C PRO A 106 5.52 -2.68 -20.63
N ALA A 107 4.24 -2.41 -20.44
CA ALA A 107 3.67 -1.09 -20.71
C ALA A 107 2.66 -0.80 -19.61
N TYR A 108 2.78 0.34 -18.94
CA TYR A 108 1.83 0.70 -17.85
C TYR A 108 1.01 1.92 -18.21
N THR A 109 -0.31 1.79 -18.09
CA THR A 109 -1.23 2.92 -18.22
C THR A 109 -2.19 2.89 -17.03
N ASN A 110 -2.60 4.08 -16.60
CA ASN A 110 -3.50 4.22 -15.46
C ASN A 110 -4.95 4.08 -15.92
N VAL A 111 -5.55 5.18 -16.35
CA VAL A 111 -6.92 5.15 -16.84
C VAL A 111 -6.97 4.82 -18.32
N GLN A 112 -6.01 5.35 -19.08
CA GLN A 112 -6.08 5.34 -20.53
C GLN A 112 -5.78 3.96 -21.11
N PHE A 113 -6.50 3.61 -22.16
CA PHE A 113 -6.21 2.41 -22.91
C PHE A 113 -4.95 2.61 -23.77
N PRO A 114 -4.18 1.55 -24.00
CA PRO A 114 -3.04 1.65 -24.93
C PRO A 114 -3.42 1.48 -26.39
N PHE A 115 -4.70 1.33 -26.70
CA PHE A 115 -5.16 1.15 -28.07
C PHE A 115 -6.37 2.03 -28.32
N ALA A 116 -6.70 2.20 -29.60
CA ALA A 116 -7.87 2.99 -29.96
C ALA A 116 -9.13 2.39 -29.37
N VAL A 117 -10.01 3.26 -28.89
CA VAL A 117 -11.22 2.83 -28.18
C VAL A 117 -12.32 2.70 -29.24
N GLU A 118 -12.49 1.49 -29.75
CA GLU A 118 -13.53 1.19 -30.73
C GLU A 118 -13.91 -0.28 -30.57
N PRO A 119 -14.62 -0.62 -29.49
CA PRO A 119 -14.93 -2.02 -29.25
C PRO A 119 -15.81 -2.57 -30.35
N PRO A 120 -15.68 -3.88 -30.67
CA PRO A 120 -14.81 -4.88 -30.03
C PRO A 120 -13.46 -5.03 -30.73
N HIS A 121 -13.09 -4.05 -31.55
CA HIS A 121 -11.96 -4.21 -32.46
C HIS A 121 -10.64 -4.12 -31.70
N VAL A 122 -9.61 -4.70 -32.30
CA VAL A 122 -8.28 -4.78 -31.69
C VAL A 122 -7.29 -4.15 -32.64
N PRO A 123 -6.15 -3.67 -32.13
CA PRO A 123 -5.15 -3.05 -33.00
C PRO A 123 -4.40 -4.08 -33.83
N GLU A 124 -3.65 -3.58 -34.82
CA GLU A 124 -2.83 -4.44 -35.66
C GLU A 124 -1.56 -4.88 -34.94
N ALA A 125 -1.03 -4.05 -34.05
CA ALA A 125 0.12 -4.41 -33.22
C ALA A 125 -0.43 -5.13 -31.99
N ASN A 126 -0.51 -6.46 -32.11
CA ASN A 126 -1.13 -7.29 -31.07
C ASN A 126 -0.30 -8.56 -30.91
N PRO A 127 0.63 -8.57 -29.97
CA PRO A 127 1.50 -9.74 -29.80
C PRO A 127 0.72 -11.04 -29.68
N ILE A 128 1.16 -12.05 -30.45
CA ILE A 128 0.55 -13.37 -30.45
C ILE A 128 1.58 -14.37 -29.94
N GLY A 129 1.24 -15.06 -28.86
CA GLY A 129 2.15 -15.99 -28.22
C GLY A 129 1.74 -17.44 -28.35
N ASP A 130 2.51 -18.22 -29.13
CA ASP A 130 2.25 -19.64 -29.30
C ASP A 130 3.02 -20.43 -28.25
N HIS A 131 2.30 -21.24 -27.47
CA HIS A 131 2.89 -22.03 -26.40
C HIS A 131 2.68 -23.51 -26.69
N LEU A 132 3.61 -24.34 -26.23
CA LEU A 132 3.59 -25.76 -26.56
C LEU A 132 4.40 -26.53 -25.52
N VAL A 133 3.86 -27.67 -25.10
CA VAL A 133 4.56 -28.57 -24.16
C VAL A 133 4.20 -30.01 -24.50
N VAL A 134 5.12 -30.92 -24.17
CA VAL A 134 4.93 -32.35 -24.34
C VAL A 134 4.92 -32.99 -22.97
N PHE A 135 3.98 -33.90 -22.74
CA PHE A 135 3.85 -34.54 -21.43
C PHE A 135 3.38 -35.98 -21.60
N GLU A 136 3.54 -36.74 -20.53
CA GLU A 136 3.21 -38.16 -20.50
C GLU A 136 1.95 -38.38 -19.67
N ALA A 137 0.99 -39.09 -20.24
CA ALA A 137 -0.28 -39.40 -19.57
C ALA A 137 -0.27 -40.89 -19.19
N GLY A 138 -0.17 -41.18 -17.90
CA GLY A 138 -0.17 -42.54 -17.42
C GLY A 138 -1.57 -43.13 -17.43
N PRO A 139 -1.65 -44.40 -17.03
CA PRO A 139 -2.96 -45.08 -17.03
C PRO A 139 -3.97 -44.47 -16.08
N GLU A 140 -3.52 -43.92 -14.95
CA GLU A 140 -4.43 -43.39 -13.94
C GLU A 140 -5.22 -42.17 -14.41
N PHE A 141 -4.99 -41.69 -15.63
CA PHE A 141 -5.72 -40.54 -16.18
C PHE A 141 -6.78 -40.96 -17.18
N PHE A 142 -7.41 -42.12 -16.98
CA PHE A 142 -8.37 -42.67 -17.93
C PHE A 142 -9.46 -43.40 -17.17
N PRO A 143 -10.67 -43.50 -17.74
CA PRO A 143 -11.04 -43.01 -19.08
C PRO A 143 -11.30 -41.50 -19.16
N HIS A 144 -11.52 -40.84 -18.02
CA HIS A 144 -11.89 -39.43 -18.00
C HIS A 144 -10.79 -38.58 -17.39
N ALA A 145 -10.68 -37.34 -17.88
CA ALA A 145 -9.67 -36.40 -17.41
C ALA A 145 -10.01 -35.03 -17.96
N LEU A 146 -9.30 -34.01 -17.46
CA LEU A 146 -9.48 -32.65 -17.94
C LEU A 146 -8.16 -31.90 -17.82
N LEU A 147 -8.06 -30.79 -18.56
CA LEU A 147 -6.97 -29.85 -18.42
C LEU A 147 -7.50 -28.55 -17.81
N ARG A 148 -6.74 -27.99 -16.88
CA ARG A 148 -7.16 -26.81 -16.12
C ARG A 148 -6.14 -25.69 -16.31
N PHE A 149 -6.65 -24.51 -16.67
CA PHE A 149 -5.82 -23.31 -16.80
C PHE A 149 -6.35 -22.26 -15.83
N ASP A 150 -5.52 -21.87 -14.88
CA ASP A 150 -5.94 -20.95 -13.83
C ASP A 150 -5.75 -19.47 -14.19
N GLY A 151 -5.19 -19.17 -15.37
CA GLY A 151 -5.06 -17.78 -15.79
C GLY A 151 -4.33 -17.57 -17.11
N ILE A 152 -5.02 -16.95 -18.07
CA ILE A 152 -4.43 -16.61 -19.37
C ILE A 152 -4.84 -15.19 -19.72
N GLU A 153 -3.86 -14.31 -19.90
CA GLU A 153 -4.11 -12.92 -20.29
C GLU A 153 -3.78 -12.75 -21.77
N SER A 154 -4.76 -12.43 -22.61
CA SER A 154 -6.16 -12.16 -22.28
C SER A 154 -7.11 -13.05 -23.08
N ALA A 155 -6.61 -13.70 -24.12
CA ALA A 155 -7.43 -14.55 -24.99
C ALA A 155 -6.62 -15.75 -25.43
N GLY A 156 -7.04 -16.94 -25.01
CA GLY A 156 -6.33 -18.17 -25.32
C GLY A 156 -7.17 -19.11 -26.15
N THR A 157 -6.52 -19.78 -27.11
CA THR A 157 -7.08 -20.92 -27.82
C THR A 157 -6.21 -22.13 -27.52
N VAL A 158 -6.85 -23.26 -27.23
CA VAL A 158 -6.17 -24.44 -26.71
C VAL A 158 -6.44 -25.62 -27.64
N TRP A 159 -5.37 -26.31 -28.05
CA TRP A 159 -5.44 -27.56 -28.79
C TRP A 159 -4.75 -28.66 -28.00
N LEU A 160 -5.29 -29.87 -28.08
CA LEU A 160 -4.65 -31.05 -27.53
C LEU A 160 -4.47 -32.07 -28.65
N ASN A 161 -3.21 -32.39 -28.98
CA ASN A 161 -2.90 -33.30 -30.07
C ASN A 161 -3.62 -32.87 -31.35
N GLY A 162 -3.59 -31.56 -31.64
CA GLY A 162 -4.18 -31.02 -32.83
C GLY A 162 -5.67 -30.77 -32.78
N VAL A 163 -6.37 -31.31 -31.79
CA VAL A 163 -7.82 -31.14 -31.67
C VAL A 163 -8.10 -29.94 -30.78
N GLU A 164 -8.97 -29.05 -31.25
CA GLU A 164 -9.30 -27.84 -30.51
C GLU A 164 -10.20 -28.17 -29.34
N LEU A 165 -9.83 -27.68 -28.15
CA LEU A 165 -10.66 -27.83 -26.95
C LEU A 165 -11.60 -26.64 -26.78
N GLY A 166 -11.08 -25.43 -26.91
CA GLY A 166 -11.92 -24.24 -26.78
C GLY A 166 -11.06 -23.00 -26.56
N THR A 167 -11.69 -21.97 -26.00
CA THR A 167 -11.05 -20.70 -25.77
C THR A 167 -11.30 -20.23 -24.34
N THR A 168 -10.44 -19.33 -23.87
CA THR A 168 -10.53 -18.76 -22.54
C THR A 168 -10.78 -17.27 -22.61
N ARG A 169 -11.67 -16.78 -21.74
CA ARG A 169 -11.93 -15.36 -21.60
C ARG A 169 -12.08 -15.04 -20.12
N GLY A 170 -11.51 -13.92 -19.69
CA GLY A 170 -11.38 -13.63 -18.26
C GLY A 170 -10.00 -13.99 -17.78
N SER A 171 -9.12 -13.00 -17.68
CA SER A 171 -7.68 -13.26 -17.62
C SER A 171 -7.25 -13.87 -16.28
N ARG A 172 -7.93 -13.53 -15.19
CA ARG A 172 -7.58 -14.08 -13.87
C ARG A 172 -8.61 -15.09 -13.39
N LEU A 173 -9.28 -15.77 -14.31
CA LEU A 173 -10.31 -16.74 -13.98
C LEU A 173 -9.90 -18.12 -14.50
N ALA A 174 -10.42 -19.15 -13.84
CA ALA A 174 -10.08 -20.54 -14.16
C ALA A 174 -10.96 -21.06 -15.29
N HIS A 175 -10.36 -21.91 -16.13
CA HIS A 175 -11.08 -22.62 -17.18
C HIS A 175 -10.65 -24.08 -17.17
N GLU A 176 -11.60 -24.98 -17.45
CA GLU A 176 -11.35 -26.41 -17.49
C GLU A 176 -11.93 -27.00 -18.77
N PHE A 177 -11.15 -27.89 -19.40
CA PHE A 177 -11.54 -28.50 -20.67
C PHE A 177 -11.49 -30.01 -20.54
N ASP A 178 -12.58 -30.67 -20.92
CA ASP A 178 -12.63 -32.13 -20.91
C ASP A 178 -11.80 -32.67 -22.06
N VAL A 179 -10.94 -33.65 -21.76
CA VAL A 179 -10.09 -34.28 -22.76
C VAL A 179 -10.37 -35.78 -22.88
N SER A 180 -11.54 -36.23 -22.43
CA SER A 180 -11.92 -37.62 -22.62
C SER A 180 -12.00 -37.96 -24.09
N GLY A 181 -11.37 -39.06 -24.49
CA GLY A 181 -11.35 -39.46 -25.89
C GLY A 181 -10.44 -38.65 -26.76
N ILE A 182 -9.71 -37.69 -26.18
CA ILE A 182 -8.73 -36.89 -26.89
C ILE A 182 -7.34 -37.02 -26.28
N LEU A 183 -7.26 -37.00 -24.95
CA LEU A 183 -6.04 -37.40 -24.24
C LEU A 183 -5.72 -38.85 -24.59
N GLU A 184 -4.54 -39.07 -25.17
CA GLU A 184 -4.07 -40.40 -25.49
C GLU A 184 -3.08 -40.88 -24.43
N GLN A 185 -3.02 -42.19 -24.25
CA GLN A 185 -2.14 -42.76 -23.25
C GLN A 185 -0.69 -42.63 -23.69
N GLY A 186 0.18 -42.23 -22.77
CA GLY A 186 1.58 -41.99 -23.09
C GLY A 186 1.82 -40.53 -23.42
N GLU A 187 2.47 -40.27 -24.54
CA GLU A 187 2.90 -38.93 -24.90
C GLU A 187 1.77 -38.13 -25.53
N ASN A 188 1.56 -36.91 -25.03
CA ASN A 188 0.59 -35.97 -25.58
C ASN A 188 1.26 -34.64 -25.86
N THR A 189 0.67 -33.86 -26.76
CA THR A 189 1.18 -32.56 -27.15
C THR A 189 0.09 -31.51 -26.95
N LEU A 190 0.36 -30.53 -26.09
CA LEU A 190 -0.60 -29.47 -25.76
C LEU A 190 -0.11 -28.16 -26.36
N ALA A 191 -1.02 -27.47 -27.07
CA ALA A 191 -0.70 -26.23 -27.75
C ALA A 191 -1.70 -25.15 -27.36
N VAL A 192 -1.20 -23.94 -27.11
CA VAL A 192 -2.02 -22.81 -26.68
C VAL A 192 -1.58 -21.57 -27.42
N ARG A 193 -2.50 -20.92 -28.13
CA ARG A 193 -2.25 -19.63 -28.77
C ARG A 193 -2.84 -18.53 -27.90
N VAL A 194 -2.01 -17.54 -27.55
CA VAL A 194 -2.38 -16.48 -26.63
C VAL A 194 -2.24 -15.14 -27.34
N ALA A 195 -3.30 -14.34 -27.33
CA ALA A 195 -3.29 -12.99 -27.88
C ALA A 195 -3.32 -12.00 -26.72
N GLN A 196 -2.42 -11.01 -26.77
CA GLN A 196 -2.38 -10.00 -25.71
C GLN A 196 -3.71 -9.25 -25.65
N PHE A 197 -4.10 -8.63 -26.75
CA PHE A 197 -5.29 -7.80 -26.80
C PHE A 197 -6.45 -8.57 -27.43
N SER A 198 -7.63 -8.42 -26.84
CA SER A 198 -8.86 -8.97 -27.37
C SER A 198 -9.99 -8.03 -26.98
N ALA A 199 -11.21 -8.37 -27.39
CA ALA A 199 -12.37 -7.61 -26.94
C ALA A 199 -12.43 -7.56 -25.42
N ALA A 200 -11.87 -8.57 -24.75
CA ALA A 200 -11.86 -8.62 -23.30
C ALA A 200 -10.98 -7.54 -22.69
N SER A 201 -9.98 -7.04 -23.42
CA SER A 201 -9.15 -5.96 -22.88
C SER A 201 -9.99 -4.75 -22.53
N TYR A 202 -11.09 -4.53 -23.28
CA TYR A 202 -11.97 -3.39 -22.99
C TYR A 202 -12.60 -3.48 -21.61
N VAL A 203 -12.69 -4.68 -21.02
CA VAL A 203 -13.25 -4.84 -19.68
C VAL A 203 -12.18 -5.22 -18.67
N GLU A 204 -10.90 -5.12 -19.04
CA GLU A 204 -9.79 -5.39 -18.14
C GLU A 204 -8.81 -4.20 -18.17
N ASP A 205 -9.33 -3.03 -17.81
CA ASP A 205 -8.57 -1.77 -17.86
C ASP A 205 -8.02 -1.39 -16.50
N GLN A 206 -7.58 -2.37 -15.70
CA GLN A 206 -7.03 -2.06 -14.39
C GLN A 206 -5.78 -1.22 -14.53
N ALA A 207 -5.52 -0.40 -13.52
CA ALA A 207 -4.30 0.41 -13.46
C ALA A 207 -3.16 -0.51 -13.05
N MET A 208 -2.35 -0.93 -14.03
CA MET A 208 -1.23 -1.83 -13.79
C MET A 208 -0.49 -2.10 -15.09
N TRP A 209 0.53 -2.95 -15.06
CA TRP A 209 1.25 -3.30 -16.28
C TRP A 209 0.41 -4.22 -17.14
N TRP A 210 0.41 -3.98 -18.45
CA TRP A 210 -0.17 -4.91 -19.40
C TRP A 210 0.82 -6.03 -19.67
N LEU A 211 0.44 -7.26 -19.32
CA LEU A 211 1.35 -8.40 -19.33
C LEU A 211 0.64 -9.62 -19.88
N PRO A 212 0.76 -9.91 -21.16
CA PRO A 212 0.18 -11.15 -21.69
C PRO A 212 0.97 -12.37 -21.25
N GLY A 213 0.29 -13.52 -21.30
CA GLY A 213 0.94 -14.79 -21.06
C GLY A 213 0.09 -15.81 -20.33
N ILE A 214 0.57 -17.06 -20.26
CA ILE A 214 -0.05 -18.09 -19.43
C ILE A 214 0.62 -17.95 -18.06
N PHE A 215 0.01 -17.15 -17.19
CA PHE A 215 0.66 -16.66 -15.97
C PHE A 215 0.21 -17.41 -14.71
N ARG A 216 -0.54 -18.50 -14.85
CA ARG A 216 -0.93 -19.30 -13.70
C ARG A 216 -0.94 -20.77 -14.07
N ASP A 217 -1.15 -21.61 -13.06
CA ASP A 217 -0.94 -23.05 -13.18
C ASP A 217 -1.65 -23.66 -14.38
N VAL A 218 -1.01 -24.64 -14.98
CA VAL A 218 -1.61 -25.53 -15.98
C VAL A 218 -1.51 -26.95 -15.43
N THR A 219 -2.66 -27.60 -15.25
CA THR A 219 -2.70 -28.85 -14.51
C THR A 219 -3.56 -29.87 -15.25
N LEU A 220 -3.10 -31.12 -15.25
CA LEU A 220 -3.87 -32.26 -15.74
C LEU A 220 -4.46 -32.99 -14.54
N GLN A 221 -5.77 -33.21 -14.57
CA GLN A 221 -6.47 -33.82 -13.44
C GLN A 221 -7.41 -34.90 -13.95
N ALA A 222 -7.39 -36.06 -13.29
CA ALA A 222 -8.30 -37.14 -13.63
C ALA A 222 -9.63 -36.95 -12.90
N ARG A 223 -10.69 -37.49 -13.49
CA ARG A 223 -12.06 -37.39 -12.95
C ARG A 223 -12.62 -38.80 -12.86
N PRO A 224 -12.22 -39.58 -11.85
CA PRO A 224 -12.74 -40.95 -11.72
C PRO A 224 -14.26 -40.96 -11.60
N ALA A 225 -14.82 -42.14 -11.88
CA ALA A 225 -16.25 -42.34 -11.72
C ALA A 225 -16.63 -42.21 -10.24
N ALA A 226 -17.89 -41.86 -10.00
CA ALA A 226 -18.40 -41.69 -8.64
C ALA A 226 -17.56 -40.67 -7.86
N GLY A 227 -17.21 -39.57 -8.52
CA GLY A 227 -16.40 -38.53 -7.92
C GLY A 227 -17.21 -37.34 -7.46
N ILE A 228 -16.50 -36.25 -7.18
CA ILE A 228 -17.10 -35.01 -6.72
C ILE A 228 -16.56 -33.87 -7.57
N ASP A 229 -17.45 -33.14 -8.22
CA ASP A 229 -17.06 -32.01 -9.05
C ASP A 229 -17.09 -30.68 -8.31
N ASP A 230 -18.13 -30.42 -7.51
CA ASP A 230 -18.26 -29.14 -6.82
C ASP A 230 -18.69 -29.36 -5.38
N VAL A 231 -18.30 -28.41 -4.53
CA VAL A 231 -18.67 -28.42 -3.11
C VAL A 231 -19.04 -27.00 -2.72
N PHE A 232 -20.01 -26.88 -1.80
CA PHE A 232 -20.45 -25.57 -1.31
C PHE A 232 -20.62 -25.69 0.21
N VAL A 233 -19.67 -25.13 0.96
CA VAL A 233 -19.73 -25.15 2.42
C VAL A 233 -20.65 -24.03 2.89
N HIS A 234 -21.47 -24.34 3.90
CA HIS A 234 -22.31 -23.35 4.59
C HIS A 234 -22.09 -23.57 6.08
N ALA A 235 -21.24 -22.74 6.69
CA ALA A 235 -20.87 -22.90 8.10
C ALA A 235 -21.16 -21.60 8.83
N GLY A 236 -22.36 -21.51 9.42
CA GLY A 236 -22.79 -20.34 10.14
C GLY A 236 -22.58 -20.49 11.64
N TYR A 237 -22.81 -19.38 12.35
CA TYR A 237 -22.57 -19.30 13.78
C TYR A 237 -23.71 -18.55 14.45
N ASP A 238 -24.32 -19.17 15.45
CA ASP A 238 -25.33 -18.52 16.29
C ASP A 238 -24.63 -17.93 17.50
N HIS A 239 -24.44 -16.61 17.52
CA HIS A 239 -23.62 -16.01 18.56
C HIS A 239 -24.32 -15.98 19.92
N ILE A 240 -25.65 -16.18 19.94
CA ILE A 240 -26.35 -16.26 21.23
C ILE A 240 -26.08 -17.61 21.89
N THR A 241 -26.32 -18.71 21.15
CA THR A 241 -26.16 -20.04 21.70
C THR A 241 -24.75 -20.59 21.59
N GLY A 242 -23.95 -20.08 20.67
CA GLY A 242 -22.66 -20.66 20.36
C GLY A 242 -22.71 -21.85 19.43
N GLU A 243 -23.88 -22.19 18.90
CA GLU A 243 -24.02 -23.31 17.99
C GLU A 243 -23.37 -23.01 16.65
N GLY A 244 -23.00 -24.07 15.95
CA GLY A 244 -22.58 -24.01 14.56
C GLY A 244 -23.67 -24.59 13.67
N ILE A 245 -23.88 -23.96 12.52
CA ILE A 245 -24.93 -24.36 11.58
C ILE A 245 -24.21 -24.81 10.32
N LEU A 246 -24.14 -26.12 10.10
CA LEU A 246 -23.32 -26.71 9.05
C LEU A 246 -24.18 -27.38 7.99
N LYS A 247 -23.81 -27.16 6.73
CA LYS A 247 -24.42 -27.85 5.60
C LYS A 247 -23.42 -27.83 4.46
N VAL A 248 -22.94 -29.01 4.07
CA VAL A 248 -21.95 -29.14 3.00
C VAL A 248 -22.67 -29.76 1.80
N GLU A 249 -22.79 -28.99 0.72
CA GLU A 249 -23.36 -29.48 -0.52
C GLU A 249 -22.27 -30.12 -1.38
N ALA A 250 -22.68 -31.13 -2.17
CA ALA A 250 -21.77 -31.83 -3.06
C ALA A 250 -22.53 -32.25 -4.30
N SER A 251 -21.88 -32.17 -5.46
CA SER A 251 -22.56 -32.46 -6.71
C SER A 251 -21.60 -33.07 -7.71
N ARG A 252 -22.18 -33.76 -8.70
CA ARG A 252 -21.47 -34.38 -9.85
C ARG A 252 -22.23 -33.95 -11.11
N GLY A 253 -21.53 -33.51 -12.15
CA GLY A 253 -22.19 -33.12 -13.39
C GLY A 253 -23.37 -32.19 -13.17
N GLY A 254 -23.28 -31.31 -12.16
CA GLY A 254 -24.35 -30.41 -11.82
C GLY A 254 -25.45 -31.01 -10.96
N GLN A 255 -25.34 -32.28 -10.57
CA GLN A 255 -26.39 -32.97 -9.83
C GLN A 255 -25.92 -33.26 -8.41
N ALA A 256 -26.81 -33.00 -7.44
CA ALA A 256 -26.52 -33.34 -6.06
C ALA A 256 -26.38 -34.86 -5.92
N ILE A 257 -25.38 -35.29 -5.16
CA ILE A 257 -25.02 -36.69 -5.07
C ILE A 257 -24.93 -37.10 -3.60
N ASP A 258 -24.86 -38.42 -3.39
CA ASP A 258 -24.59 -38.98 -2.08
C ASP A 258 -23.11 -38.82 -1.74
N ALA A 259 -22.84 -38.37 -0.53
CA ALA A 259 -21.48 -38.23 -0.03
C ALA A 259 -21.53 -37.99 1.47
N VAL A 260 -20.47 -38.37 2.15
CA VAL A 260 -20.42 -38.32 3.61
C VAL A 260 -19.39 -37.30 4.05
N VAL A 261 -19.75 -36.49 5.04
CA VAL A 261 -18.91 -35.42 5.56
C VAL A 261 -18.38 -35.82 6.93
N ARG A 262 -17.10 -35.53 7.18
CA ARG A 262 -16.47 -35.83 8.46
C ARG A 262 -15.65 -34.65 8.93
N VAL A 263 -15.89 -34.23 10.18
CA VAL A 263 -15.02 -33.30 10.89
C VAL A 263 -14.60 -33.95 12.20
N PRO A 264 -13.44 -34.60 12.24
CA PRO A 264 -13.04 -35.32 13.47
C PRO A 264 -13.13 -34.49 14.73
N GLU A 265 -12.58 -33.28 14.72
CA GLU A 265 -12.45 -32.50 15.95
C GLU A 265 -13.80 -32.28 16.64
N LEU A 266 -14.90 -32.30 15.88
CA LEU A 266 -16.22 -32.02 16.43
C LEU A 266 -17.09 -33.27 16.60
N ALA A 267 -16.54 -34.46 16.37
CA ALA A 267 -17.27 -35.71 16.59
C ALA A 267 -18.51 -35.79 15.69
N LEU A 268 -18.30 -35.59 14.40
CA LEU A 268 -19.37 -35.41 13.44
C LEU A 268 -19.16 -36.31 12.22
N GLU A 269 -20.23 -36.99 11.81
CA GLU A 269 -20.28 -37.67 10.51
C GLU A 269 -21.70 -37.51 10.00
N LEU A 270 -21.86 -36.81 8.88
CA LEU A 270 -23.18 -36.48 8.36
C LEU A 270 -23.18 -36.58 6.85
N ALA A 271 -24.38 -36.54 6.28
CA ALA A 271 -24.56 -36.62 4.83
C ALA A 271 -24.52 -35.24 4.22
N ALA A 272 -23.94 -35.15 3.02
CA ALA A 272 -23.98 -33.92 2.26
C ALA A 272 -25.43 -33.55 1.95
N GLY A 273 -25.71 -32.25 1.95
CA GLY A 273 -27.02 -31.75 1.60
C GLY A 273 -27.98 -31.54 2.77
N THR A 274 -27.58 -31.89 3.98
CA THR A 274 -28.44 -31.76 5.16
C THR A 274 -27.82 -30.77 6.13
N GLU A 275 -28.69 -30.01 6.80
CA GLU A 275 -28.28 -28.95 7.71
C GLU A 275 -28.41 -29.44 9.15
N VAL A 276 -27.35 -29.25 9.93
CA VAL A 276 -27.30 -29.74 11.31
C VAL A 276 -26.88 -28.61 12.23
N ARG A 277 -27.32 -28.69 13.49
CA ARG A 277 -26.90 -27.76 14.52
C ARG A 277 -25.80 -28.42 15.34
N VAL A 278 -24.60 -27.85 15.28
CA VAL A 278 -23.48 -28.30 16.09
C VAL A 278 -23.56 -27.57 17.43
N PRO A 279 -23.61 -28.29 18.56
CA PRO A 279 -23.96 -27.62 19.83
C PRO A 279 -22.99 -26.53 20.26
N ALA A 280 -21.70 -26.65 19.91
CA ALA A 280 -20.72 -25.66 20.37
C ALA A 280 -19.54 -25.65 19.42
N VAL A 281 -19.32 -24.51 18.75
CA VAL A 281 -18.16 -24.31 17.90
C VAL A 281 -17.42 -23.06 18.37
N GLU A 282 -16.13 -22.99 18.04
CA GLU A 282 -15.37 -21.78 18.23
C GLU A 282 -15.40 -20.96 16.95
N PRO A 283 -15.97 -19.75 16.95
CA PRO A 283 -16.20 -19.03 15.70
C PRO A 283 -14.91 -18.56 15.03
N TRP A 284 -14.99 -18.39 13.72
CA TRP A 284 -13.88 -17.90 12.92
C TRP A 284 -13.92 -16.38 12.82
N SER A 285 -12.75 -15.76 12.92
CA SER A 285 -12.60 -14.34 12.68
C SER A 285 -11.14 -14.07 12.33
N ALA A 286 -10.91 -12.91 11.70
CA ALA A 286 -9.53 -12.54 11.41
C ALA A 286 -8.68 -12.52 12.67
N GLU A 287 -9.27 -12.16 13.81
CA GLU A 287 -8.54 -12.14 15.07
C GLU A 287 -8.28 -13.54 15.59
N VAL A 288 -9.23 -14.45 15.41
CA VAL A 288 -9.12 -15.82 15.88
C VAL A 288 -9.57 -16.75 14.74
N PRO A 289 -8.70 -17.08 13.79
CA PRO A 289 -9.12 -17.82 12.59
C PRO A 289 -9.22 -19.33 12.82
N LYS A 290 -10.14 -19.73 13.69
CA LYS A 290 -10.33 -21.14 14.00
C LYS A 290 -10.81 -21.90 12.77
N LEU A 291 -10.10 -22.98 12.42
CA LEU A 291 -10.40 -23.78 11.24
C LEU A 291 -10.48 -25.25 11.63
N TYR A 292 -11.61 -25.88 11.32
CA TYR A 292 -11.80 -27.31 11.56
C TYR A 292 -11.55 -28.09 10.26
N GLU A 293 -10.66 -29.09 10.35
CA GLU A 293 -10.38 -29.92 9.20
C GLU A 293 -11.57 -30.81 8.86
N ALA A 294 -11.74 -31.12 7.57
CA ALA A 294 -12.93 -31.80 7.11
C ALA A 294 -12.62 -32.56 5.82
N ALA A 295 -13.52 -33.48 5.48
CA ALA A 295 -13.42 -34.21 4.22
C ALA A 295 -14.81 -34.58 3.72
N VAL A 296 -15.06 -34.33 2.44
CA VAL A 296 -16.27 -34.76 1.74
C VAL A 296 -15.86 -35.87 0.79
N SER A 297 -16.46 -37.05 0.93
CA SER A 297 -16.01 -38.23 0.21
C SER A 297 -17.17 -39.00 -0.39
N ALA A 298 -16.96 -39.50 -1.60
CA ALA A 298 -17.83 -40.49 -2.22
C ALA A 298 -16.96 -41.68 -2.64
N ALA A 299 -17.53 -42.60 -3.41
CA ALA A 299 -16.82 -43.84 -3.74
C ALA A 299 -15.49 -43.53 -4.44
N GLY A 300 -15.51 -42.62 -5.40
CA GLY A 300 -14.35 -42.42 -6.24
C GLY A 300 -13.41 -41.29 -5.85
N GLU A 301 -13.84 -40.42 -4.94
CA GLU A 301 -13.08 -39.19 -4.70
C GLU A 301 -13.38 -38.65 -3.31
N SER A 302 -12.37 -37.99 -2.73
CA SER A 302 -12.50 -37.33 -1.44
C SER A 302 -11.86 -35.95 -1.52
N VAL A 303 -12.46 -34.98 -0.83
CA VAL A 303 -12.05 -33.56 -0.92
C VAL A 303 -11.71 -33.08 0.47
N ALA A 304 -10.54 -32.45 0.60
CA ALA A 304 -10.07 -31.92 1.88
C ALA A 304 -10.50 -30.47 2.03
N LEU A 305 -11.19 -30.16 3.12
CA LEU A 305 -11.73 -28.83 3.37
C LEU A 305 -11.24 -28.29 4.71
N GLN A 306 -11.15 -26.97 4.79
CA GLN A 306 -10.98 -26.26 6.05
C GLN A 306 -12.20 -25.36 6.24
N ILE A 307 -12.81 -25.45 7.42
CA ILE A 307 -14.13 -24.88 7.66
C ILE A 307 -14.03 -23.86 8.79
N GLY A 308 -14.41 -22.61 8.50
CA GLY A 308 -14.51 -21.58 9.50
C GLY A 308 -15.95 -21.16 9.73
N PHE A 309 -16.45 -21.35 10.95
CA PHE A 309 -17.82 -21.03 11.28
C PHE A 309 -17.97 -19.54 11.54
N ARG A 310 -18.72 -18.84 10.69
CA ARG A 310 -18.94 -17.41 10.87
C ARG A 310 -20.13 -16.98 10.02
N SER A 311 -20.95 -16.08 10.57
CA SER A 311 -22.12 -15.54 9.91
C SER A 311 -21.96 -14.03 9.71
N ILE A 312 -22.29 -13.56 8.52
CA ILE A 312 -22.18 -12.14 8.16
C ILE A 312 -23.58 -11.55 8.09
N ALA A 313 -23.76 -10.35 8.64
CA ALA A 313 -25.08 -9.74 8.67
C ALA A 313 -24.93 -8.23 8.76
N ILE A 314 -25.95 -7.53 8.26
CA ILE A 314 -26.04 -6.09 8.32
C ILE A 314 -27.26 -5.73 9.15
N GLU A 315 -27.05 -5.00 10.24
CA GLU A 315 -28.15 -4.53 11.08
C GLU A 315 -27.78 -3.21 11.72
N ASP A 316 -28.80 -2.37 11.94
CA ASP A 316 -28.62 -1.03 12.49
C ASP A 316 -27.53 -0.28 11.73
N ALA A 317 -27.49 -0.46 10.42
CA ALA A 317 -26.56 0.25 9.54
C ALA A 317 -25.11 -0.04 9.92
N GLN A 318 -24.84 -1.29 10.29
CA GLN A 318 -23.51 -1.73 10.67
C GLN A 318 -23.20 -3.06 10.01
N PHE A 319 -21.93 -3.26 9.67
CA PHE A 319 -21.46 -4.52 9.10
C PHE A 319 -20.95 -5.41 10.22
N LYS A 320 -21.60 -6.55 10.44
CA LYS A 320 -21.36 -7.37 11.62
C LYS A 320 -20.99 -8.79 11.23
N VAL A 321 -19.97 -9.33 11.88
CA VAL A 321 -19.62 -10.74 11.82
C VAL A 321 -19.86 -11.34 13.19
N ASN A 322 -20.55 -12.48 13.23
CA ASN A 322 -20.80 -13.21 14.46
C ASN A 322 -21.41 -12.32 15.54
N GLY A 323 -22.25 -11.38 15.12
CA GLY A 323 -22.99 -10.54 16.03
C GLY A 323 -22.28 -9.30 16.54
N ARG A 324 -21.09 -8.97 16.01
CA ARG A 324 -20.33 -7.81 16.47
C ARG A 324 -19.89 -6.96 15.29
N ARG A 325 -20.15 -5.67 15.40
CA ARG A 325 -19.44 -4.72 14.47
CA ARG A 325 -19.48 -4.77 14.39
C ARG A 325 -17.90 -4.83 14.43
N ILE A 326 -17.36 -4.98 13.25
CA ILE A 326 -15.91 -5.13 13.09
C ILE A 326 -15.38 -3.87 12.42
N LEU A 327 -14.10 -3.62 12.65
CA LEU A 327 -13.37 -2.52 12.04
C LEU A 327 -12.35 -3.09 11.07
N LEU A 328 -12.48 -2.72 9.80
CA LEU A 328 -11.58 -3.22 8.76
C LEU A 328 -10.31 -2.39 8.74
N ARG A 329 -9.17 -3.02 9.00
CA ARG A 329 -7.81 -2.44 8.89
C ARG A 329 -7.25 -3.10 7.63
N GLY A 330 -7.43 -2.48 6.46
CA GLY A 330 -7.26 -3.17 5.20
C GLY A 330 -6.26 -2.47 4.28
N VAL A 331 -5.86 -3.24 3.26
CA VAL A 331 -5.04 -2.79 2.14
C VAL A 331 -5.60 -3.40 0.86
N ASN A 332 -5.30 -2.76 -0.27
CA ASN A 332 -5.62 -3.28 -1.59
C ASN A 332 -4.43 -4.05 -2.14
N ARG A 333 -4.62 -5.33 -2.47
CA ARG A 333 -3.54 -6.22 -2.88
C ARG A 333 -3.63 -6.50 -4.37
N HIS A 334 -2.72 -5.92 -5.14
CA HIS A 334 -2.44 -6.39 -6.49
C HIS A 334 -1.48 -7.57 -6.43
N GLU A 335 -1.41 -8.31 -7.53
CA GLU A 335 -0.46 -9.41 -7.67
C GLU A 335 0.63 -8.96 -8.63
N HIS A 336 1.86 -8.89 -8.11
CA HIS A 336 2.98 -8.37 -8.88
C HIS A 336 4.29 -8.79 -8.24
N HIS A 337 5.30 -9.01 -9.08
CA HIS A 337 6.63 -9.42 -8.65
C HIS A 337 7.61 -8.69 -9.56
N PRO A 338 8.67 -8.08 -9.01
CA PRO A 338 9.51 -7.19 -9.83
C PRO A 338 10.24 -7.87 -10.98
N ARG A 339 10.46 -9.19 -10.92
CA ARG A 339 11.16 -9.90 -11.98
C ARG A 339 10.29 -10.86 -12.76
N LEU A 340 9.11 -11.23 -12.25
CA LEU A 340 8.24 -12.20 -12.90
C LEU A 340 6.85 -11.67 -13.21
N GLY A 341 6.59 -10.40 -12.93
CA GLY A 341 5.35 -9.77 -13.33
C GLY A 341 4.15 -10.25 -12.54
N ARG A 342 3.15 -10.78 -13.26
CA ARG A 342 1.92 -11.25 -12.65
C ARG A 342 2.07 -12.61 -11.97
N VAL A 343 3.26 -13.19 -11.98
CA VAL A 343 3.55 -14.46 -11.32
C VAL A 343 4.16 -14.15 -9.96
N VAL A 344 3.45 -14.52 -8.90
CA VAL A 344 3.91 -14.30 -7.52
C VAL A 344 4.23 -15.66 -6.92
N PRO A 345 5.51 -16.00 -6.70
CA PRO A 345 5.83 -17.29 -6.06
C PRO A 345 5.10 -17.44 -4.73
N ARG A 346 4.89 -18.70 -4.34
CA ARG A 346 4.17 -18.97 -3.10
C ARG A 346 4.95 -18.49 -1.88
N ASP A 347 6.27 -18.65 -1.89
CA ASP A 347 7.09 -18.16 -0.78
C ASP A 347 6.94 -16.66 -0.60
N VAL A 348 6.72 -15.92 -1.69
CA VAL A 348 6.52 -14.48 -1.59
C VAL A 348 5.13 -14.17 -1.05
N VAL A 349 4.13 -14.98 -1.40
CA VAL A 349 2.78 -14.77 -0.87
C VAL A 349 2.77 -14.92 0.64
N GLU A 350 3.24 -16.09 1.13
CA GLU A 350 3.30 -16.31 2.56
C GLU A 350 4.04 -15.19 3.28
N ALA A 351 5.15 -14.74 2.69
CA ALA A 351 5.95 -13.69 3.31
C ALA A 351 5.14 -12.41 3.50
N GLU A 352 4.62 -11.86 2.40
CA GLU A 352 3.95 -10.57 2.48
C GLU A 352 2.71 -10.62 3.38
N LEU A 353 2.01 -11.76 3.40
CA LEU A 353 0.84 -11.85 4.26
C LEU A 353 1.24 -11.90 5.74
N ARG A 354 2.35 -12.57 6.06
CA ARG A 354 2.90 -12.47 7.40
C ARG A 354 3.32 -11.04 7.71
N LEU A 355 3.96 -10.38 6.74
CA LEU A 355 4.34 -8.98 6.92
C LEU A 355 3.12 -8.11 7.20
N MET A 356 2.02 -8.36 6.48
CA MET A 356 0.78 -7.62 6.74
C MET A 356 0.36 -7.77 8.20
N LYS A 357 0.19 -9.02 8.65
CA LYS A 357 -0.20 -9.26 10.04
C LYS A 357 0.76 -8.60 11.01
N GLN A 358 2.06 -8.65 10.70
CA GLN A 358 3.07 -8.02 11.56
C GLN A 358 2.85 -6.51 11.68
N HIS A 359 2.10 -5.91 10.74
CA HIS A 359 1.78 -4.49 10.79
C HIS A 359 0.29 -4.26 11.05
N ASN A 360 -0.35 -5.18 11.79
CA ASN A 360 -1.68 -5.03 12.35
C ASN A 360 -2.79 -4.97 11.30
N ILE A 361 -2.49 -5.31 10.05
CA ILE A 361 -3.54 -5.38 9.02
C ILE A 361 -4.44 -6.59 9.29
N ASN A 362 -5.73 -6.44 8.99
CA ASN A 362 -6.69 -7.53 9.19
C ASN A 362 -7.64 -7.72 8.01
N ALA A 363 -7.45 -7.00 6.91
CA ALA A 363 -8.38 -7.06 5.80
C ALA A 363 -7.63 -6.86 4.48
N ILE A 364 -8.14 -7.50 3.43
CA ILE A 364 -7.53 -7.43 2.10
C ILE A 364 -8.62 -7.32 1.06
N ARG A 365 -8.41 -6.43 0.08
CA ARG A 365 -9.25 -6.34 -1.10
C ARG A 365 -8.41 -6.75 -2.30
N THR A 366 -8.91 -7.75 -3.04
CA THR A 366 -8.15 -8.30 -4.18
C THR A 366 -8.38 -7.42 -5.40
N SER A 367 -7.72 -6.26 -5.39
CA SER A 367 -7.88 -5.29 -6.45
C SER A 367 -7.11 -5.73 -7.69
N HIS A 368 -7.77 -5.77 -8.86
CA HIS A 368 -9.22 -5.73 -9.05
C HIS A 368 -9.61 -6.98 -9.84
N TYR A 369 -9.35 -8.12 -9.24
CA TYR A 369 -9.55 -9.42 -9.90
C TYR A 369 -9.31 -10.52 -8.87
N PRO A 370 -9.84 -11.71 -9.10
CA PRO A 370 -9.56 -12.83 -8.19
C PRO A 370 -8.07 -13.12 -8.16
N PRO A 371 -7.52 -13.46 -6.99
CA PRO A 371 -6.10 -13.78 -6.89
C PRO A 371 -5.83 -15.23 -7.27
N HIS A 372 -4.56 -15.63 -7.17
CA HIS A 372 -4.20 -17.02 -7.32
C HIS A 372 -5.07 -17.86 -6.36
N PRO A 373 -5.56 -19.03 -6.78
CA PRO A 373 -6.45 -19.79 -5.90
C PRO A 373 -5.80 -20.22 -4.59
N GLN A 374 -4.47 -20.28 -4.54
CA GLN A 374 -3.80 -20.64 -3.29
C GLN A 374 -3.91 -19.52 -2.25
N PHE A 375 -4.19 -18.30 -2.68
CA PHE A 375 -4.29 -17.18 -1.74
C PHE A 375 -5.38 -17.43 -0.71
N LEU A 376 -6.47 -18.09 -1.11
CA LEU A 376 -7.65 -18.16 -0.25
C LEU A 376 -7.37 -18.92 1.04
N ALA A 377 -6.72 -20.08 0.93
CA ALA A 377 -6.44 -20.88 2.12
C ALA A 377 -5.55 -20.13 3.09
N LEU A 378 -4.50 -19.47 2.58
CA LEU A 378 -3.63 -18.68 3.45
C LEU A 378 -4.42 -17.59 4.16
N ALA A 379 -5.42 -17.02 3.49
CA ALA A 379 -6.23 -15.99 4.13
C ALA A 379 -7.09 -16.57 5.24
N ASP A 380 -7.61 -17.79 5.05
CA ASP A 380 -8.37 -18.46 6.10
C ASP A 380 -7.48 -18.76 7.30
N GLN A 381 -6.24 -19.20 7.04
CA GLN A 381 -5.36 -19.65 8.12
C GLN A 381 -4.83 -18.48 8.93
N LEU A 382 -4.21 -17.50 8.26
CA LEU A 382 -3.60 -16.39 8.99
C LEU A 382 -4.65 -15.41 9.52
N GLY A 383 -5.74 -15.22 8.78
CA GLY A 383 -6.86 -14.42 9.28
C GLY A 383 -6.96 -13.04 8.68
N PHE A 384 -7.69 -12.91 7.59
CA PHE A 384 -8.02 -11.63 6.99
C PHE A 384 -9.49 -11.61 6.58
N TYR A 385 -10.14 -10.48 6.76
CA TYR A 385 -11.44 -10.25 6.15
C TYR A 385 -11.22 -9.83 4.70
N VAL A 386 -11.70 -10.64 3.76
CA VAL A 386 -11.36 -10.50 2.35
C VAL A 386 -12.57 -9.97 1.58
N VAL A 387 -12.32 -8.98 0.73
CA VAL A 387 -13.27 -8.53 -0.28
C VAL A 387 -12.79 -9.12 -1.60
N LEU A 388 -13.45 -10.18 -2.07
CA LEU A 388 -13.02 -10.84 -3.31
C LEU A 388 -13.73 -10.19 -4.49
N GLU A 389 -12.95 -9.68 -5.42
CA GLU A 389 -13.44 -8.78 -6.45
C GLU A 389 -13.36 -9.44 -7.83
N CYS A 390 -14.43 -9.28 -8.60
CA CYS A 390 -14.50 -9.84 -9.94
C CYS A 390 -13.56 -9.09 -10.88
N ASP A 391 -13.15 -9.79 -11.94
CA ASP A 391 -12.25 -9.23 -12.94
C ASP A 391 -13.09 -8.40 -13.91
N LEU A 392 -13.21 -7.11 -13.63
CA LEU A 392 -14.02 -6.21 -14.46
C LEU A 392 -13.66 -4.77 -14.15
N GLU A 393 -13.24 -4.02 -15.17
CA GLU A 393 -13.01 -2.58 -15.03
C GLU A 393 -13.01 -1.95 -16.42
N THR A 394 -13.89 -0.98 -16.63
CA THR A 394 -14.02 -0.27 -17.88
C THR A 394 -13.69 1.22 -17.72
N HIS A 395 -12.74 1.51 -16.82
CA HIS A 395 -12.42 2.90 -16.47
C HIS A 395 -12.19 3.76 -17.71
N GLY A 396 -11.50 3.21 -18.71
CA GLY A 396 -11.09 3.98 -19.87
C GLY A 396 -12.24 4.55 -20.69
N PHE A 397 -13.48 4.13 -20.44
CA PHE A 397 -14.63 4.68 -21.15
C PHE A 397 -15.17 5.95 -20.50
N GLU A 398 -14.67 6.34 -19.32
CA GLU A 398 -15.23 7.49 -18.62
C GLU A 398 -14.96 8.78 -19.40
N SER A 399 -13.76 8.94 -19.96
CA SER A 399 -13.39 10.19 -20.60
C SER A 399 -14.33 10.56 -21.74
N ALA A 400 -15.07 9.58 -22.28
CA ALA A 400 -16.01 9.83 -23.37
C ALA A 400 -17.46 9.82 -22.90
N GLY A 401 -17.69 10.16 -21.63
CA GLY A 401 -19.03 10.15 -21.08
C GLY A 401 -19.65 8.77 -20.98
N TRP A 402 -18.82 7.73 -20.90
CA TRP A 402 -19.24 6.34 -20.75
C TRP A 402 -19.92 5.78 -21.98
N ALA A 403 -19.87 6.48 -23.11
CA ALA A 403 -20.44 5.94 -24.34
C ALA A 403 -19.73 4.65 -24.73
N GLN A 404 -20.52 3.67 -25.18
CA GLN A 404 -20.05 2.34 -25.55
C GLN A 404 -19.55 1.53 -24.38
N ASN A 405 -19.82 1.95 -23.14
CA ASN A 405 -19.38 1.24 -21.96
C ASN A 405 -19.94 -0.19 -21.96
N PRO A 406 -19.10 -1.22 -21.96
CA PRO A 406 -19.64 -2.59 -21.95
C PRO A 406 -20.58 -2.89 -20.80
N SER A 407 -20.48 -2.16 -19.69
CA SER A 407 -21.30 -2.47 -18.52
C SER A 407 -22.78 -2.19 -18.74
N ASP A 408 -23.13 -1.43 -19.76
CA ASP A 408 -24.52 -1.13 -20.09
C ASP A 408 -24.88 -1.55 -21.51
N ASP A 409 -23.96 -2.25 -22.20
CA ASP A 409 -24.22 -2.73 -23.55
C ASP A 409 -24.77 -4.16 -23.46
N PRO A 410 -26.03 -4.40 -23.83
CA PRO A 410 -26.60 -5.75 -23.66
C PRO A 410 -25.80 -6.85 -24.34
N GLN A 411 -25.09 -6.55 -25.43
CA GLN A 411 -24.31 -7.58 -26.10
C GLN A 411 -23.21 -8.16 -25.21
N TRP A 412 -22.87 -7.49 -24.12
CA TRP A 412 -21.84 -7.95 -23.20
C TRP A 412 -22.41 -8.66 -21.97
N GLU A 413 -23.72 -8.85 -21.89
CA GLU A 413 -24.32 -9.41 -20.68
C GLU A 413 -23.74 -10.78 -20.36
N ASP A 414 -23.84 -11.72 -21.31
CA ASP A 414 -23.37 -13.08 -21.06
C ASP A 414 -21.91 -13.10 -20.63
N ALA A 415 -21.07 -12.31 -21.31
CA ALA A 415 -19.64 -12.33 -21.00
C ALA A 415 -19.35 -11.81 -19.60
N LEU A 416 -20.15 -10.88 -19.10
CA LEU A 416 -19.92 -10.32 -17.78
C LEU A 416 -20.53 -11.16 -16.67
N VAL A 417 -21.72 -11.73 -16.90
CA VAL A 417 -22.25 -12.71 -15.96
C VAL A 417 -21.27 -13.85 -15.77
N ASP A 418 -20.66 -14.31 -16.86
CA ASP A 418 -19.69 -15.40 -16.77
C ASP A 418 -18.54 -15.04 -15.84
N ARG A 419 -17.98 -13.84 -16.02
CA ARG A 419 -16.90 -13.39 -15.15
C ARG A 419 -17.30 -13.47 -13.68
N MET A 420 -18.52 -13.03 -13.35
CA MET A 420 -18.96 -13.08 -11.96
C MET A 420 -19.19 -14.52 -11.51
N ARG A 421 -19.82 -15.33 -12.37
CA ARG A 421 -20.04 -16.74 -12.02
C ARG A 421 -18.74 -17.42 -11.63
N ARG A 422 -17.76 -17.41 -12.54
CA ARG A 422 -16.48 -18.04 -12.27
C ARG A 422 -15.83 -17.47 -11.02
N THR A 423 -15.98 -16.16 -10.79
CA THR A 423 -15.41 -15.55 -9.59
C THR A 423 -16.02 -16.16 -8.33
N VAL A 424 -17.34 -16.28 -8.29
CA VAL A 424 -18.02 -16.73 -7.09
C VAL A 424 -17.77 -18.22 -6.86
N GLU A 425 -17.89 -19.03 -7.92
CA GLU A 425 -17.82 -20.48 -7.75
C GLU A 425 -16.47 -20.92 -7.20
N ARG A 426 -15.38 -20.29 -7.66
CA ARG A 426 -14.05 -20.77 -7.34
C ARG A 426 -13.76 -20.68 -5.84
N ASP A 427 -14.25 -19.63 -5.18
CA ASP A 427 -13.80 -19.28 -3.84
C ASP A 427 -14.94 -19.28 -2.82
N LYS A 428 -16.10 -19.86 -3.16
CA LYS A 428 -17.28 -19.75 -2.31
C LYS A 428 -17.18 -20.53 -1.00
N ASN A 429 -16.13 -21.33 -0.79
CA ASN A 429 -16.02 -22.18 0.39
C ASN A 429 -15.17 -21.58 1.50
N HIS A 430 -14.61 -20.39 1.31
CA HIS A 430 -13.59 -19.87 2.21
C HIS A 430 -14.19 -18.83 3.15
N ALA A 431 -14.10 -19.08 4.46
CA ALA A 431 -14.65 -18.18 5.46
C ALA A 431 -14.03 -16.79 5.40
N SER A 432 -12.83 -16.64 4.84
CA SER A 432 -12.19 -15.33 4.81
C SER A 432 -12.90 -14.37 3.85
N VAL A 433 -13.66 -14.88 2.89
CA VAL A 433 -14.39 -14.01 1.98
C VAL A 433 -15.67 -13.56 2.68
N VAL A 434 -15.75 -12.26 2.99
CA VAL A 434 -16.92 -11.69 3.65
C VAL A 434 -17.70 -10.75 2.74
N MET A 435 -17.22 -10.50 1.53
CA MET A 435 -17.94 -9.66 0.58
C MET A 435 -17.55 -10.08 -0.84
N TRP A 436 -18.53 -10.12 -1.73
CA TRP A 436 -18.28 -10.23 -3.16
C TRP A 436 -18.32 -8.83 -3.78
N SER A 437 -17.36 -8.53 -4.64
CA SER A 437 -17.30 -7.23 -5.30
C SER A 437 -17.44 -7.44 -6.80
N LEU A 438 -18.32 -6.64 -7.43
CA LEU A 438 -18.63 -6.80 -8.84
C LEU A 438 -17.49 -6.38 -9.76
N GLY A 439 -16.56 -5.57 -9.27
CA GLY A 439 -15.51 -5.02 -10.11
C GLY A 439 -15.14 -3.64 -9.61
N ASN A 440 -14.44 -2.89 -10.46
CA ASN A 440 -13.89 -1.59 -10.07
C ASN A 440 -14.04 -0.61 -11.22
N GLU A 441 -14.51 0.59 -10.87
CA GLU A 441 -14.58 1.73 -11.80
C GLU A 441 -15.00 1.28 -13.19
N ALA A 442 -16.23 0.75 -13.26
CA ALA A 442 -16.83 0.30 -14.51
C ALA A 442 -18.15 1.01 -14.80
N GLY A 443 -18.37 2.17 -14.17
CA GLY A 443 -19.59 2.92 -14.38
C GLY A 443 -20.81 2.20 -13.82
N THR A 444 -21.97 2.53 -14.38
CA THR A 444 -23.24 1.90 -14.05
C THR A 444 -23.84 1.34 -15.32
N GLY A 445 -24.65 0.30 -15.18
CA GLY A 445 -25.26 -0.32 -16.36
C GLY A 445 -26.04 -1.57 -16.00
N ARG A 446 -26.80 -2.04 -17.00
CA ARG A 446 -27.69 -3.17 -16.79
C ARG A 446 -26.92 -4.47 -16.55
N ASN A 447 -25.73 -4.60 -17.14
CA ASN A 447 -24.96 -5.82 -16.94
C ASN A 447 -24.48 -5.95 -15.50
N LEU A 448 -24.03 -4.84 -14.90
CA LEU A 448 -23.65 -4.86 -13.50
C LEU A 448 -24.81 -5.32 -12.62
N ALA A 449 -26.03 -4.87 -12.95
CA ALA A 449 -27.20 -5.30 -12.19
C ALA A 449 -27.45 -6.80 -12.38
N ALA A 450 -27.20 -7.32 -13.58
CA ALA A 450 -27.34 -8.75 -13.81
C ALA A 450 -26.33 -9.54 -13.00
N MET A 451 -25.10 -9.03 -12.89
CA MET A 451 -24.09 -9.69 -12.08
C MET A 451 -24.50 -9.72 -10.62
N SER A 452 -25.12 -8.64 -10.14
CA SER A 452 -25.56 -8.58 -8.74
C SER A 452 -26.72 -9.54 -8.49
N ARG A 453 -27.73 -9.49 -9.35
CA ARG A 453 -28.87 -10.40 -9.20
C ARG A 453 -28.40 -11.84 -9.19
N TRP A 454 -27.43 -12.19 -10.06
CA TRP A 454 -26.94 -13.55 -10.12
C TRP A 454 -26.28 -13.95 -8.80
N THR A 455 -25.46 -13.06 -8.24
CA THR A 455 -24.72 -13.39 -7.03
C THR A 455 -25.65 -13.51 -5.83
N LYS A 456 -26.62 -12.60 -5.70
CA LYS A 456 -27.53 -12.63 -4.55
C LYS A 456 -28.33 -13.93 -4.55
N ASP A 457 -28.70 -14.42 -5.73
CA ASP A 457 -29.42 -15.69 -5.81
C ASP A 457 -28.52 -16.87 -5.48
N ARG A 458 -27.30 -16.88 -6.02
CA ARG A 458 -26.39 -18.00 -5.83
C ARG A 458 -25.92 -18.11 -4.38
N ASP A 459 -25.47 -16.99 -3.82
CA ASP A 459 -24.87 -16.99 -2.49
C ASP A 459 -25.35 -15.77 -1.71
N PRO A 460 -26.46 -15.91 -0.98
CA PRO A 460 -26.95 -14.80 -0.15
C PRO A 460 -26.26 -14.67 1.21
N SER A 461 -25.19 -15.40 1.46
CA SER A 461 -24.49 -15.34 2.74
C SER A 461 -23.37 -14.32 2.77
N ARG A 462 -23.12 -13.60 1.67
CA ARG A 462 -22.04 -12.60 1.62
C ARG A 462 -22.59 -11.32 0.97
N PRO A 463 -22.56 -10.18 1.66
CA PRO A 463 -23.04 -8.95 1.03
C PRO A 463 -22.23 -8.60 -0.22
N ILE A 464 -22.83 -7.77 -1.07
CA ILE A 464 -22.26 -7.41 -2.36
C ILE A 464 -21.71 -5.99 -2.29
N HIS A 465 -20.58 -5.77 -2.97
CA HIS A 465 -19.88 -4.49 -2.96
C HIS A 465 -19.64 -4.03 -4.38
N TYR A 466 -19.84 -2.72 -4.62
CA TYR A 466 -19.44 -2.07 -5.86
C TYR A 466 -19.49 -0.56 -5.71
N GLU A 467 -18.35 0.11 -5.92
CA GLU A 467 -18.26 1.55 -5.71
C GLU A 467 -18.75 2.36 -6.89
N GLY A 468 -18.77 1.79 -8.10
CA GLY A 468 -19.00 2.57 -9.30
C GLY A 468 -20.37 3.22 -9.39
N ASP A 469 -21.35 2.72 -8.63
CA ASP A 469 -22.72 3.24 -8.65
C ASP A 469 -23.02 3.82 -7.27
N TRP A 470 -22.86 5.13 -7.12
CA TRP A 470 -23.02 5.75 -5.82
C TRP A 470 -24.45 5.63 -5.30
N SER A 471 -25.43 5.53 -6.21
CA SER A 471 -26.80 5.28 -5.79
C SER A 471 -26.91 3.99 -4.99
N SER A 472 -26.02 3.03 -5.24
CA SER A 472 -25.96 1.79 -4.47
C SER A 472 -27.22 0.94 -4.66
N GLU A 473 -27.78 0.97 -5.87
CA GLU A 473 -29.05 0.29 -6.12
C GLU A 473 -28.91 -1.23 -5.98
N HIS A 474 -27.78 -1.78 -6.38
CA HIS A 474 -27.61 -3.23 -6.50
C HIS A 474 -26.48 -3.74 -5.62
N VAL A 475 -26.30 -3.13 -4.44
CA VAL A 475 -25.27 -3.54 -3.50
C VAL A 475 -25.86 -3.54 -2.10
N ASP A 476 -25.06 -4.02 -1.13
CA ASP A 476 -25.47 -4.09 0.25
C ASP A 476 -24.66 -3.19 1.18
N VAL A 477 -23.52 -2.67 0.73
CA VAL A 477 -22.73 -1.72 1.51
C VAL A 477 -22.47 -0.49 0.64
N TYR A 478 -22.46 0.68 1.28
CA TYR A 478 -22.13 1.92 0.59
C TYR A 478 -20.61 2.07 0.54
N SER A 479 -20.05 2.06 -0.67
CA SER A 479 -18.61 2.15 -0.85
C SER A 479 -18.25 3.43 -1.61
N ARG A 480 -17.17 4.06 -1.17
CA ARG A 480 -16.59 5.20 -1.86
C ARG A 480 -15.07 5.08 -1.79
N MET A 481 -14.39 5.83 -2.66
CA MET A 481 -12.93 5.88 -2.65
C MET A 481 -12.48 7.32 -2.52
N TYR A 482 -11.56 7.56 -1.56
CA TYR A 482 -10.88 8.84 -1.39
C TYR A 482 -11.84 9.96 -0.97
N ALA A 483 -12.93 9.62 -0.29
CA ALA A 483 -13.79 10.65 0.27
C ALA A 483 -13.06 11.36 1.40
N SER A 484 -13.21 12.69 1.43
CA SER A 484 -12.49 13.49 2.40
C SER A 484 -12.86 13.07 3.83
N GLN A 485 -11.97 13.40 4.77
CA GLN A 485 -12.29 13.19 6.18
C GLN A 485 -13.60 13.88 6.53
N ALA A 486 -13.84 15.06 5.95
CA ALA A 486 -15.06 15.81 6.25
C ALA A 486 -16.30 15.04 5.81
N GLU A 487 -16.33 14.58 4.57
CA GLU A 487 -17.51 13.85 4.10
C GLU A 487 -17.66 12.54 4.85
N THR A 488 -16.54 11.87 5.16
CA THR A 488 -16.60 10.64 5.94
C THR A 488 -17.30 10.87 7.28
N ALA A 489 -17.03 12.02 7.92
CA ALA A 489 -17.66 12.31 9.20
C ALA A 489 -19.15 12.59 9.03
N LEU A 490 -19.54 13.26 7.94
CA LEU A 490 -20.96 13.46 7.67
C LEU A 490 -21.66 12.12 7.47
N ILE A 491 -21.02 11.18 6.78
CA ILE A 491 -21.60 9.87 6.56
C ILE A 491 -21.63 9.08 7.87
N GLY A 492 -20.59 9.22 8.69
CA GLY A 492 -20.60 8.55 9.98
C GLY A 492 -21.78 8.92 10.84
N GLN A 493 -22.25 10.16 10.72
CA GLN A 493 -23.43 10.62 11.43
C GLN A 493 -24.72 10.40 10.64
N GLY A 494 -24.61 9.86 9.43
CA GLY A 494 -25.79 9.56 8.63
C GLY A 494 -26.53 10.77 8.13
N ILE A 495 -25.82 11.83 7.77
CA ILE A 495 -26.47 13.06 7.32
C ILE A 495 -25.84 13.57 6.03
N GLU A 496 -25.25 12.66 5.25
CA GLU A 496 -24.81 13.02 3.91
C GLU A 496 -26.01 13.50 3.10
N PRO A 497 -25.77 14.17 1.98
CA PRO A 497 -26.90 14.64 1.16
C PRO A 497 -27.71 13.46 0.63
N ALA A 498 -28.99 13.72 0.40
CA ALA A 498 -29.91 12.67 -0.01
C ALA A 498 -29.86 12.43 -1.51
N LEU A 499 -30.13 11.19 -1.91
CA LEU A 499 -30.35 10.88 -3.32
C LEU A 499 -31.73 11.40 -3.74
N ASN A 500 -31.87 11.69 -5.03
CA ASN A 500 -33.13 12.24 -5.53
C ASN A 500 -34.27 11.25 -5.38
N ASP A 501 -33.98 9.95 -5.53
CA ASP A 501 -35.00 8.93 -5.35
C ASP A 501 -35.12 8.58 -3.87
N ALA A 502 -36.30 8.83 -3.29
CA ALA A 502 -36.48 8.59 -1.86
C ALA A 502 -36.28 7.13 -1.50
N ALA A 503 -36.74 6.21 -2.35
CA ALA A 503 -36.61 4.79 -2.03
C ALA A 503 -35.16 4.36 -2.00
N LEU A 504 -34.35 4.85 -2.94
CA LEU A 504 -32.93 4.49 -2.94
C LEU A 504 -32.19 5.17 -1.81
N ASP A 505 -32.55 6.42 -1.51
CA ASP A 505 -31.93 7.10 -0.37
C ASP A 505 -32.21 6.34 0.93
N ALA A 506 -33.45 5.89 1.11
CA ALA A 506 -33.78 5.11 2.29
C ALA A 506 -32.89 3.89 2.42
N ARG A 507 -32.70 3.16 1.32
CA ARG A 507 -31.87 1.95 1.35
C ARG A 507 -30.45 2.29 1.75
N ARG A 508 -29.84 3.28 1.08
CA ARG A 508 -28.43 3.55 1.31
C ARG A 508 -28.17 4.07 2.73
N ARG A 509 -29.07 4.90 3.25
CA ARG A 509 -28.88 5.41 4.61
C ARG A 509 -28.89 4.30 5.65
N ALA A 510 -29.47 3.15 5.33
CA ALA A 510 -29.44 1.99 6.22
C ALA A 510 -28.25 1.09 5.96
N MET A 511 -27.38 1.44 5.02
CA MET A 511 -26.23 0.62 4.67
C MET A 511 -24.99 1.12 5.41
N PRO A 512 -24.13 0.22 5.89
CA PRO A 512 -22.84 0.66 6.44
C PRO A 512 -21.94 1.16 5.33
N PHE A 513 -20.91 1.92 5.73
CA PHE A 513 -20.05 2.64 4.80
C PHE A 513 -18.61 2.15 4.91
N VAL A 514 -17.99 1.93 3.76
CA VAL A 514 -16.61 1.47 3.69
C VAL A 514 -15.87 2.28 2.64
N LEU A 515 -14.59 2.53 2.90
CA LEU A 515 -13.70 3.19 1.95
C LEU A 515 -12.85 2.09 1.31
N CYS A 516 -13.22 1.69 0.09
CA CYS A 516 -12.48 0.63 -0.58
C CYS A 516 -11.09 1.08 -0.99
N GLU A 517 -10.84 2.38 -1.03
CA GLU A 517 -9.52 2.94 -1.30
C GLU A 517 -9.43 4.29 -0.60
N TYR A 518 -8.35 4.51 0.15
CA TYR A 518 -8.18 5.78 0.85
C TYR A 518 -6.71 5.94 1.24
N VAL A 519 -6.38 7.13 1.73
CA VAL A 519 -5.02 7.57 2.07
C VAL A 519 -4.00 7.06 1.04
N HIS A 520 -4.17 7.46 -0.21
CA HIS A 520 -3.26 7.11 -1.30
C HIS A 520 -1.82 7.20 -0.85
N ALA A 521 -1.11 6.07 -0.90
CA ALA A 521 0.22 5.94 -0.30
C ALA A 521 1.33 6.09 -1.33
N MET A 522 1.27 7.13 -2.15
CA MET A 522 2.27 7.34 -3.18
C MET A 522 3.36 8.28 -2.66
N GLY A 523 4.60 7.81 -2.70
CA GLY A 523 5.74 8.62 -2.31
C GLY A 523 5.70 9.01 -0.85
N ASN A 524 6.19 10.22 -0.56
CA ASN A 524 6.19 10.72 0.81
C ASN A 524 4.77 10.83 1.32
N GLY A 525 4.45 10.08 2.37
CA GLY A 525 3.11 9.99 2.89
C GLY A 525 2.76 8.56 3.23
N PRO A 526 1.45 8.27 3.42
CA PRO A 526 0.33 9.20 3.31
C PRO A 526 0.09 10.04 4.55
N GLY A 527 -0.41 11.26 4.36
CA GLY A 527 -0.78 12.12 5.45
C GLY A 527 -2.27 12.08 5.72
N GLY A 528 -2.62 12.42 6.95
CA GLY A 528 -4.02 12.45 7.35
C GLY A 528 -4.63 11.10 7.68
N MET A 529 -3.80 10.11 8.05
CA MET A 529 -4.34 8.81 8.42
C MET A 529 -5.04 8.87 9.78
N SER A 530 -4.44 9.56 10.74
CA SER A 530 -5.01 9.61 12.09
C SER A 530 -6.44 10.16 12.07
N GLU A 531 -6.68 11.17 11.24
CA GLU A 531 -8.00 11.81 11.22
C GLU A 531 -9.07 10.83 10.77
N TYR A 532 -8.80 10.07 9.70
CA TYR A 532 -9.72 9.00 9.30
C TYR A 532 -9.95 8.04 10.45
N GLN A 533 -8.87 7.60 11.09
CA GLN A 533 -8.98 6.54 12.10
C GLN A 533 -9.85 6.98 13.27
N ALA A 534 -9.71 8.23 13.72
CA ALA A 534 -10.54 8.70 14.83
C ALA A 534 -12.02 8.64 14.48
N LEU A 535 -12.36 8.91 13.21
CA LEU A 535 -13.74 8.77 12.77
C LEU A 535 -14.18 7.31 12.78
N PHE A 536 -13.29 6.40 12.37
CA PHE A 536 -13.63 4.98 12.39
C PHE A 536 -13.99 4.52 13.80
N GLU A 537 -13.24 4.98 14.81
CA GLU A 537 -13.48 4.55 16.17
C GLU A 537 -14.72 5.19 16.78
N LYS A 538 -15.15 6.35 16.25
CA LYS A 538 -16.26 7.09 16.86
C LYS A 538 -17.62 6.71 16.29
N TYR A 539 -17.70 6.33 15.02
CA TYR A 539 -18.98 6.14 14.34
C TYR A 539 -19.16 4.69 13.93
N PRO A 540 -20.11 3.95 14.51
CA PRO A 540 -20.26 2.53 14.14
C PRO A 540 -20.53 2.30 12.66
N ARG A 541 -21.31 3.17 12.02
CA ARG A 541 -21.66 2.96 10.61
C ARG A 541 -20.43 2.84 9.73
N LEU A 542 -19.32 3.47 10.13
CA LEU A 542 -18.08 3.41 9.35
C LEU A 542 -17.41 2.06 9.55
N MET A 543 -17.22 1.32 8.45
CA MET A 543 -16.63 -0.01 8.52
C MET A 543 -15.11 0.03 8.56
N GLY A 544 -14.50 1.13 8.14
CA GLY A 544 -13.06 1.18 8.04
C GLY A 544 -12.63 1.50 6.61
N GLY A 545 -11.41 1.12 6.23
CA GLY A 545 -10.93 1.48 4.91
C GLY A 545 -9.77 0.61 4.50
N PHE A 546 -9.53 0.58 3.18
CA PHE A 546 -8.45 -0.19 2.58
C PHE A 546 -7.49 0.78 1.92
N VAL A 547 -6.24 0.80 2.40
CA VAL A 547 -5.24 1.71 1.85
C VAL A 547 -4.96 1.34 0.39
N TRP A 548 -4.77 2.37 -0.45
CA TRP A 548 -4.27 2.17 -1.81
C TRP A 548 -2.82 2.61 -1.86
N GLU A 549 -1.88 1.67 -2.03
CA GLU A 549 -2.12 0.23 -2.10
C GLU A 549 -1.00 -0.48 -1.37
N TRP A 550 -1.06 -1.81 -1.38
CA TRP A 550 -0.12 -2.60 -0.60
C TRP A 550 1.30 -2.46 -1.13
N LEU A 551 1.49 -2.64 -2.44
CA LEU A 551 2.83 -2.70 -3.01
C LEU A 551 2.99 -1.73 -4.18
N GLU A 552 4.25 -1.34 -4.39
CA GLU A 552 4.66 -0.67 -5.62
C GLU A 552 4.88 -1.71 -6.71
N HIS A 553 4.41 -1.42 -7.91
CA HIS A 553 4.59 -2.33 -9.05
C HIS A 553 5.92 -2.05 -9.75
N GLY A 554 7.00 -1.94 -8.99
CA GLY A 554 8.30 -1.67 -9.59
C GLY A 554 8.81 -2.88 -10.35
N ILE A 555 9.51 -2.61 -11.45
CA ILE A 555 10.15 -3.63 -12.27
C ILE A 555 11.65 -3.41 -12.21
N THR A 556 12.38 -4.42 -11.76
CA THR A 556 13.83 -4.30 -11.62
C THR A 556 14.49 -4.16 -12.99
N VAL A 557 15.36 -3.16 -13.09
CA VAL A 557 16.20 -2.99 -14.32
C VAL A 557 17.66 -3.04 -13.86
N SER A 558 18.46 -3.94 -14.45
CA SER A 558 19.88 -4.11 -14.07
C SER A 558 20.74 -3.34 -15.07
N THR A 559 21.70 -2.57 -14.56
CA THR A 559 22.58 -1.71 -15.41
C THR A 559 24.05 -2.09 -15.22
N ALA A 560 24.92 -1.53 -16.07
CA ALA A 560 26.36 -1.78 -16.00
C ALA A 560 26.90 -1.34 -14.64
N ASP A 561 27.83 -2.13 -14.09
CA ASP A 561 28.51 -2.03 -12.77
C ASP A 561 27.64 -2.71 -11.70
N GLY A 562 26.55 -3.36 -12.13
CA GLY A 562 25.67 -4.10 -11.22
C GLY A 562 24.66 -3.24 -10.48
N VAL A 563 24.54 -1.96 -10.82
CA VAL A 563 23.56 -1.09 -10.11
C VAL A 563 22.14 -1.56 -10.46
N ASP A 564 21.30 -1.72 -9.43
CA ASP A 564 19.90 -2.19 -9.59
C ASP A 564 18.93 -1.10 -9.12
N HIS A 565 17.92 -0.83 -9.94
CA HIS A 565 16.88 0.17 -9.59
C HIS A 565 15.54 -0.25 -10.21
N TYR A 566 14.45 0.35 -9.75
CA TYR A 566 13.12 0.02 -10.27
C TYR A 566 12.78 0.97 -11.42
N GLY A 567 12.13 0.41 -12.45
CA GLY A 567 11.57 1.19 -13.53
C GLY A 567 10.06 1.34 -13.36
N TYR A 568 9.51 2.39 -13.96
CA TYR A 568 8.08 2.65 -13.90
C TYR A 568 7.60 3.09 -15.28
N GLY A 569 6.37 3.59 -15.34
CA GLY A 569 5.75 3.97 -16.60
C GLY A 569 6.61 4.87 -17.46
N GLY A 570 6.87 4.44 -18.70
CA GLY A 570 7.68 5.17 -19.64
C GLY A 570 9.10 4.67 -19.77
N ASP A 571 9.63 4.01 -18.74
CA ASP A 571 11.01 3.53 -18.74
C ASP A 571 11.22 2.35 -19.68
N PHE A 572 10.17 1.83 -20.31
CA PHE A 572 10.28 0.69 -21.22
C PHE A 572 9.81 1.07 -22.62
N GLY A 573 9.92 2.35 -22.96
CA GLY A 573 9.72 2.79 -24.33
C GLY A 573 8.29 2.72 -24.84
N GLU A 574 7.31 2.88 -23.96
CA GLU A 574 5.92 2.82 -24.38
C GLU A 574 5.45 4.19 -24.88
N GLU A 575 4.57 4.15 -25.89
CA GLU A 575 4.08 5.38 -26.50
C GLU A 575 3.12 6.12 -25.59
N VAL A 576 2.35 5.40 -24.79
CA VAL A 576 1.35 5.97 -23.89
C VAL A 576 1.56 5.38 -22.51
N HIS A 577 1.64 6.24 -21.50
CA HIS A 577 1.89 5.77 -20.15
C HIS A 577 1.44 6.83 -19.15
N ASP A 578 1.44 6.45 -17.88
CA ASP A 578 1.06 7.34 -16.78
C ASP A 578 2.17 7.39 -15.73
N GLY A 579 3.41 7.19 -16.15
CA GLY A 579 4.55 7.53 -15.30
C GLY A 579 4.63 6.67 -14.06
N ASN A 580 4.93 7.33 -12.93
CA ASN A 580 5.33 6.71 -11.65
C ASN A 580 4.15 6.46 -10.73
N PHE A 581 2.93 6.42 -11.26
CA PHE A 581 1.68 6.15 -10.49
C PHE A 581 1.66 4.68 -10.01
N VAL A 582 2.37 3.77 -10.69
CA VAL A 582 2.53 2.34 -10.31
C VAL A 582 3.29 2.22 -8.98
N THR A 583 4.27 3.08 -8.68
CA THR A 583 4.98 3.01 -7.41
C THR A 583 4.21 3.86 -6.40
N ASP A 584 3.04 3.34 -5.98
CA ASP A 584 2.14 4.02 -5.05
C ASP A 584 1.80 3.14 -3.86
N GLY A 585 2.80 2.45 -3.32
CA GLY A 585 2.57 1.36 -2.39
C GLY A 585 3.12 1.56 -0.99
N LEU A 586 2.59 0.79 -0.04
CA LEU A 586 3.10 0.80 1.32
C LEU A 586 4.42 0.07 1.44
N VAL A 587 4.72 -0.84 0.51
CA VAL A 587 6.00 -1.52 0.44
C VAL A 587 6.46 -1.47 -1.01
N ASP A 588 7.76 -1.68 -1.21
CA ASP A 588 8.28 -1.71 -2.56
C ASP A 588 8.06 -3.08 -3.19
N ALA A 589 8.43 -3.23 -4.46
CA ALA A 589 8.17 -4.47 -5.18
C ALA A 589 8.84 -5.67 -4.51
N ASP A 590 9.90 -5.45 -3.73
CA ASP A 590 10.55 -6.51 -2.98
C ASP A 590 10.09 -6.59 -1.54
N ARG A 591 8.98 -5.91 -1.21
CA ARG A 591 8.33 -6.02 0.10
C ARG A 591 9.17 -5.42 1.23
N ARG A 592 9.97 -4.40 0.92
CA ARG A 592 10.65 -3.66 1.99
C ARG A 592 9.77 -2.49 2.42
N PRO A 593 9.46 -2.35 3.71
CA PRO A 593 8.49 -1.32 4.12
C PRO A 593 8.88 0.08 3.72
N ARG A 594 7.89 0.84 3.26
CA ARG A 594 8.01 2.28 3.18
C ARG A 594 7.65 2.89 4.54
N PRO A 595 8.10 4.12 4.81
CA PRO A 595 7.72 4.75 6.08
C PRO A 595 6.23 4.80 6.31
N GLY A 596 5.43 4.86 5.25
CA GLY A 596 3.98 4.91 5.42
C GLY A 596 3.42 3.67 6.09
N LEU A 597 3.99 2.51 5.77
CA LEU A 597 3.54 1.28 6.44
C LEU A 597 3.87 1.31 7.92
N LEU A 598 5.05 1.82 8.27
CA LEU A 598 5.42 1.94 9.68
C LEU A 598 4.46 2.85 10.43
N ASP A 599 4.00 3.92 9.77
CA ASP A 599 2.98 4.78 10.37
C ASP A 599 1.62 4.11 10.38
N PHE A 600 1.25 3.48 9.27
CA PHE A 600 -0.05 2.80 9.20
C PHE A 600 -0.20 1.81 10.35
N LYS A 601 0.83 0.99 10.58
CA LYS A 601 0.78 0.00 11.65
C LYS A 601 0.37 0.64 12.98
N LYS A 602 0.98 1.78 13.29
CA LYS A 602 0.71 2.47 14.55
C LYS A 602 -0.70 3.03 14.58
N VAL A 603 -1.15 3.62 13.47
CA VAL A 603 -2.48 4.24 13.43
C VAL A 603 -3.56 3.21 13.73
N ILE A 604 -3.42 2.00 13.19
CA ILE A 604 -4.46 0.98 13.29
C ILE A 604 -4.18 0.00 14.44
N GLU A 605 -3.32 0.37 15.38
CA GLU A 605 -2.92 -0.58 16.41
C GLU A 605 -4.15 -1.04 17.20
N PRO A 606 -4.31 -2.34 17.46
CA PRO A 606 -5.57 -2.83 18.05
C PRO A 606 -5.73 -2.53 19.53
N LEU A 607 -4.68 -2.11 20.21
CA LEU A 607 -4.75 -1.69 21.61
C LEU A 607 -4.24 -0.27 21.72
N ARG A 608 -4.85 0.51 22.60
CA ARG A 608 -4.42 1.88 22.88
C ARG A 608 -3.83 1.95 24.28
N ILE A 609 -2.63 2.50 24.39
CA ILE A 609 -1.89 2.59 25.65
C ILE A 609 -1.58 4.06 25.91
N ASP A 610 -2.22 4.62 26.94
CA ASP A 610 -2.03 6.02 27.32
C ASP A 610 -1.26 6.05 28.65
N VAL A 611 0.03 6.29 28.58
CA VAL A 611 0.88 6.28 29.76
C VAL A 611 0.65 7.56 30.56
N ALA A 612 0.54 7.42 31.87
CA ALA A 612 0.24 8.56 32.73
C ALA A 612 1.48 9.46 32.87
N ARG A 613 1.23 10.75 33.05
CA ARG A 613 2.32 11.72 33.12
C ARG A 613 3.19 11.47 34.34
N ASP A 614 2.59 11.08 35.46
CA ASP A 614 3.33 10.83 36.69
C ASP A 614 3.96 9.44 36.73
N TRP A 615 3.85 8.66 35.66
CA TRP A 615 4.49 7.35 35.54
C TRP A 615 3.99 6.36 36.59
N THR A 616 2.78 6.53 37.12
CA THR A 616 2.22 5.58 38.06
C THR A 616 1.55 4.40 37.36
N GLY A 617 1.09 4.58 36.14
CA GLY A 617 0.42 3.52 35.42
C GLY A 617 0.08 3.97 34.01
N PHE A 618 -0.81 3.21 33.37
CA PHE A 618 -1.26 3.55 32.03
C PHE A 618 -2.68 3.02 31.84
N THR A 619 -3.43 3.71 31.00
CA THR A 619 -4.75 3.26 30.58
C THR A 619 -4.63 2.33 29.39
N LEU A 620 -5.36 1.22 29.43
CA LEU A 620 -5.30 0.18 28.40
C LEU A 620 -6.70 -0.04 27.86
N ARG A 621 -6.90 0.30 26.58
CA ARG A 621 -8.16 0.02 25.89
C ARG A 621 -7.93 -1.12 24.92
N ASN A 622 -8.77 -2.16 25.04
CA ASN A 622 -8.76 -3.27 24.09
C ASN A 622 -9.63 -2.87 22.90
N GLY A 623 -9.00 -2.59 21.76
CA GLY A 623 -9.71 -2.20 20.57
C GLY A 623 -10.17 -3.35 19.70
N GLN A 624 -9.83 -4.58 20.04
CA GLN A 624 -10.24 -5.73 19.25
C GLN A 624 -11.75 -5.88 19.30
N ASP A 625 -12.27 -6.74 18.42
CA ASP A 625 -13.69 -6.98 18.33
C ASP A 625 -14.11 -8.29 19.00
N PHE A 626 -13.19 -9.25 19.16
CA PHE A 626 -13.54 -10.56 19.69
C PHE A 626 -12.57 -11.01 20.78
N ALA A 627 -11.27 -10.89 20.53
CA ALA A 627 -10.27 -11.42 21.45
C ALA A 627 -10.06 -10.49 22.64
N ASP A 628 -9.67 -11.07 23.76
CA ASP A 628 -9.26 -10.31 24.93
C ASP A 628 -7.75 -10.05 24.83
N THR A 629 -7.10 -9.73 25.95
CA THR A 629 -5.69 -9.35 25.95
C THR A 629 -4.77 -10.46 26.45
N SER A 630 -5.24 -11.71 26.44
CA SER A 630 -4.44 -12.80 26.98
C SER A 630 -3.25 -13.16 26.09
N ALA A 631 -3.31 -12.85 24.80
CA ALA A 631 -2.21 -13.16 23.90
C ALA A 631 -1.01 -12.24 24.08
N PHE A 632 -1.12 -11.19 24.88
CA PHE A 632 -0.11 -10.14 24.94
C PHE A 632 0.60 -10.12 26.29
N SER A 633 1.89 -9.79 26.24
CA SER A 633 2.68 -9.50 27.44
C SER A 633 2.97 -8.02 27.47
N PHE A 634 2.63 -7.37 28.59
CA PHE A 634 2.78 -5.93 28.73
C PHE A 634 4.08 -5.62 29.47
N ARG A 635 4.96 -4.87 28.81
CA ARG A 635 6.31 -4.63 29.29
C ARG A 635 6.59 -3.13 29.30
N TYR A 636 7.43 -2.72 30.26
CA TYR A 636 7.80 -1.32 30.45
C TYR A 636 9.31 -1.18 30.50
N GLU A 637 9.80 -0.01 30.09
CA GLU A 637 11.22 0.28 30.18
C GLU A 637 11.42 1.79 30.28
N VAL A 638 12.30 2.19 31.19
CA VAL A 638 12.70 3.59 31.36
C VAL A 638 14.09 3.75 30.74
N GLU A 639 14.20 4.64 29.77
CA GLU A 639 15.47 4.93 29.12
C GLU A 639 15.86 6.37 29.40
N ALA A 640 17.17 6.61 29.50
CA ALA A 640 17.69 7.94 29.77
C ALA A 640 18.98 8.13 28.97
N ASP A 641 19.59 9.30 29.16
CA ASP A 641 20.84 9.68 28.51
C ASP A 641 21.80 8.50 28.37
N GLY A 642 22.27 7.97 29.49
CA GLY A 642 23.23 6.88 29.48
C GLY A 642 22.69 5.63 28.83
N GLY A 643 21.90 4.86 29.59
CA GLY A 643 21.29 3.65 29.08
C GLY A 643 19.88 3.47 29.60
N ALA A 644 19.53 2.26 30.01
CA ALA A 644 18.24 1.97 30.61
C ALA A 644 18.38 1.90 32.12
N LEU A 645 17.41 2.49 32.83
CA LEU A 645 17.45 2.57 34.28
C LEU A 645 16.56 1.57 34.97
N ASP A 646 15.43 1.21 34.37
CA ASP A 646 14.52 0.25 34.95
C ASP A 646 13.79 -0.46 33.81
N GLY A 647 13.02 -1.49 34.17
CA GLY A 647 12.30 -2.26 33.19
C GLY A 647 11.77 -3.55 33.75
N GLY A 648 10.79 -4.16 33.06
CA GLY A 648 10.24 -5.41 33.52
C GLY A 648 8.94 -5.72 32.80
N THR A 649 8.16 -6.59 33.42
CA THR A 649 6.88 -7.06 32.90
C THR A 649 5.83 -6.94 33.99
N VAL A 650 4.64 -6.48 33.61
CA VAL A 650 3.52 -6.36 34.54
C VAL A 650 2.39 -7.26 34.07
N ASP A 651 1.76 -7.94 35.02
CA ASP A 651 0.65 -8.86 34.74
CA ASP A 651 0.67 -8.85 34.72
C ASP A 651 -0.65 -8.07 34.68
N VAL A 652 -1.46 -8.37 33.67
CA VAL A 652 -2.72 -7.69 33.44
C VAL A 652 -3.83 -8.75 33.38
N ALA A 653 -4.80 -8.64 34.27
CA ALA A 653 -6.00 -9.46 34.17
C ALA A 653 -6.61 -9.24 32.79
N PRO A 654 -6.85 -10.29 32.00
CA PRO A 654 -7.31 -10.09 30.62
C PRO A 654 -8.50 -9.15 30.54
N VAL A 655 -8.50 -8.31 29.50
CA VAL A 655 -9.49 -7.26 29.30
C VAL A 655 -10.35 -7.65 28.10
N ALA A 656 -11.67 -7.51 28.25
CA ALA A 656 -12.59 -7.92 27.20
C ALA A 656 -12.53 -6.96 26.02
N PRO A 657 -13.03 -7.37 24.86
CA PRO A 657 -13.06 -6.47 23.71
C PRO A 657 -13.90 -5.24 23.99
N GLN A 658 -13.42 -4.08 23.52
CA GLN A 658 -14.16 -2.83 23.57
C GLN A 658 -14.36 -2.33 25.01
N SER A 659 -13.45 -2.70 25.91
CA SER A 659 -13.44 -2.17 27.27
C SER A 659 -12.02 -1.76 27.64
N GLU A 660 -11.87 -1.15 28.81
CA GLU A 660 -10.57 -0.61 29.21
C GLU A 660 -10.39 -0.73 30.71
N THR A 661 -9.12 -0.62 31.13
CA THR A 661 -8.77 -0.64 32.54
C THR A 661 -7.53 0.21 32.74
N VAL A 662 -7.27 0.60 33.98
CA VAL A 662 -6.07 1.33 34.35
C VAL A 662 -5.10 0.36 35.00
N VAL A 663 -3.94 0.17 34.38
CA VAL A 663 -2.92 -0.75 34.88
C VAL A 663 -1.94 0.04 35.73
N GLU A 664 -1.72 -0.42 36.97
CA GLU A 664 -0.70 0.16 37.83
C GLU A 664 0.68 -0.29 37.38
N LEU A 665 1.65 0.60 37.47
CA LEU A 665 3.05 0.25 37.27
C LEU A 665 3.76 0.17 38.62
N PRO A 666 4.87 -0.54 38.68
CA PRO A 666 5.59 -0.65 39.96
C PRO A 666 6.00 0.72 40.47
N GLY A 667 5.87 0.91 41.79
CA GLY A 667 6.18 2.20 42.38
C GLY A 667 7.60 2.67 42.09
N SER A 668 8.51 1.74 41.83
CA SER A 668 9.89 2.11 41.54
C SER A 668 9.97 3.03 40.31
N VAL A 669 9.03 2.88 39.37
CA VAL A 669 9.05 3.71 38.17
C VAL A 669 8.67 5.14 38.50
N ALA A 670 7.57 5.33 39.22
CA ALA A 670 7.16 6.68 39.61
C ALA A 670 8.22 7.36 40.47
N ALA A 671 8.95 6.58 41.27
CA ALA A 671 10.00 7.14 42.10
C ALA A 671 11.14 7.71 41.26
N LEU A 672 11.58 6.96 40.24
CA LEU A 672 12.59 7.49 39.32
C LEU A 672 12.15 8.82 38.73
N ALA A 673 10.91 8.89 38.23
CA ALA A 673 10.40 10.13 37.68
C ALA A 673 10.42 11.25 38.71
N ALA A 674 10.01 10.94 39.95
CA ALA A 674 9.91 11.97 40.98
C ALA A 674 11.29 12.48 41.41
N GLY A 675 12.30 11.63 41.39
CA GLY A 675 13.63 12.02 41.84
C GLY A 675 14.56 12.37 40.71
N LEU A 676 13.99 12.73 39.57
CA LEU A 676 14.77 13.06 38.37
C LEU A 676 15.18 14.53 38.45
N SER A 677 16.48 14.78 38.46
CA SER A 677 16.96 16.17 38.47
C SER A 677 16.42 16.91 37.25
N ASP A 678 15.61 17.94 37.51
CA ASP A 678 14.87 18.60 36.44
C ASP A 678 15.77 18.97 35.28
N GLY A 679 15.23 18.85 34.07
CA GLY A 679 15.96 19.10 32.86
C GLY A 679 16.62 17.88 32.24
N ARG A 680 16.68 16.76 32.96
CA ARG A 680 17.28 15.56 32.41
C ARG A 680 16.26 14.80 31.57
N PRO A 681 16.57 14.45 30.32
CA PRO A 681 15.58 13.76 29.48
C PRO A 681 15.46 12.29 29.85
N ALA A 682 14.22 11.79 29.80
CA ALA A 682 13.93 10.41 30.15
C ALA A 682 12.63 9.99 29.47
N VAL A 683 12.55 8.72 29.10
CA VAL A 683 11.43 8.21 28.31
C VAL A 683 10.93 6.92 28.94
N LEU A 684 9.64 6.89 29.30
CA LEU A 684 8.96 5.68 29.75
C LEU A 684 8.15 5.13 28.59
N THR A 685 8.43 3.88 28.21
CA THR A 685 7.76 3.22 27.10
C THR A 685 7.10 1.94 27.59
N VAL A 686 5.80 1.81 27.33
CA VAL A 686 5.04 0.60 27.63
C VAL A 686 4.67 -0.05 26.30
N ARG A 687 4.88 -1.35 26.20
CA ARG A 687 4.65 -2.09 24.97
C ARG A 687 3.79 -3.31 25.23
N ALA A 688 3.01 -3.68 24.21
CA ALA A 688 2.23 -4.91 24.20
C ALA A 688 2.80 -5.82 23.13
N VAL A 689 3.50 -6.88 23.54
CA VAL A 689 4.11 -7.82 22.62
C VAL A 689 3.39 -9.15 22.72
N LEU A 690 3.67 -10.04 21.77
CA LEU A 690 3.10 -11.38 21.80
C LEU A 690 3.75 -12.20 22.91
N GLY A 691 2.92 -12.86 23.71
CA GLY A 691 3.43 -13.72 24.76
C GLY A 691 4.04 -15.01 24.24
N ALA A 692 3.55 -15.49 23.09
CA ALA A 692 4.05 -16.71 22.50
C ALA A 692 3.99 -16.59 20.98
N ASP A 693 4.75 -17.46 20.32
CA ASP A 693 4.75 -17.52 18.86
C ASP A 693 3.33 -17.64 18.34
N SER A 694 3.10 -17.10 17.14
CA SER A 694 1.87 -17.28 16.41
C SER A 694 2.23 -17.72 15.00
N ALA A 695 1.19 -17.97 14.18
CA ALA A 695 1.43 -18.37 12.80
C ALA A 695 2.06 -17.25 11.97
N TRP A 696 2.01 -16.00 12.44
CA TRP A 696 2.45 -14.86 11.66
C TRP A 696 3.58 -14.07 12.31
N ALA A 697 4.01 -14.43 13.51
CA ALA A 697 5.11 -13.72 14.15
C ALA A 697 5.59 -14.51 15.36
N ASP A 698 6.80 -14.22 15.80
CA ASP A 698 7.38 -14.85 16.97
C ASP A 698 7.01 -14.07 18.24
N ALA A 699 7.23 -14.71 19.38
CA ALA A 699 6.98 -14.04 20.65
C ALA A 699 7.89 -12.83 20.80
N GLY A 700 7.37 -11.77 21.42
CA GLY A 700 8.09 -10.52 21.54
C GLY A 700 7.82 -9.54 20.41
N HIS A 701 7.13 -9.96 19.35
CA HIS A 701 6.74 -9.04 18.29
C HIS A 701 5.84 -7.96 18.86
N GLU A 702 6.09 -6.71 18.45
CA GLU A 702 5.39 -5.56 19.01
C GLU A 702 4.09 -5.30 18.27
N VAL A 703 3.03 -5.05 19.04
CA VAL A 703 1.69 -4.83 18.50
C VAL A 703 1.16 -3.43 18.81
N ALA A 704 1.42 -2.94 20.03
CA ALA A 704 0.96 -1.62 20.44
C ALA A 704 1.96 -1.03 21.43
N TRP A 705 1.94 0.28 21.56
CA TRP A 705 2.85 0.94 22.49
C TRP A 705 2.34 2.32 22.84
N GLY A 706 2.91 2.87 23.91
CA GLY A 706 2.66 4.23 24.34
C GLY A 706 3.79 4.72 25.20
N GLN A 707 3.91 6.04 25.33
CA GLN A 707 5.06 6.64 25.98
C GLN A 707 4.67 7.85 26.80
N SER A 708 5.51 8.16 27.79
CA SER A 708 5.49 9.44 28.51
C SER A 708 6.91 9.97 28.56
N VAL A 709 7.08 11.24 28.20
CA VAL A 709 8.41 11.84 28.05
C VAL A 709 8.58 12.94 29.08
N ARG A 710 9.75 12.94 29.73
CA ARG A 710 10.23 14.07 30.51
C ARG A 710 11.21 14.83 29.63
N GLU A 711 10.80 16.01 29.16
CA GLU A 711 11.58 16.73 28.18
C GLU A 711 12.85 17.31 28.81
N PRO A 712 13.90 17.51 28.02
CA PRO A 712 15.04 18.28 28.51
C PRO A 712 14.69 19.75 28.64
N GLY A 713 15.22 20.39 29.68
CA GLY A 713 14.95 21.79 29.91
C GLY A 713 15.45 22.66 28.77
N ALA A 714 14.97 23.90 28.76
CA ALA A 714 15.36 24.84 27.72
C ALA A 714 16.89 24.93 27.67
N PRO A 715 17.50 24.97 26.48
CA PRO A 715 18.97 25.04 26.41
C PRO A 715 19.48 26.39 26.89
N VAL A 716 20.52 26.35 27.71
CA VAL A 716 21.07 27.57 28.31
C VAL A 716 21.76 28.38 27.22
N PRO A 717 21.33 29.59 26.92
CA PRO A 717 22.01 30.38 25.88
C PRO A 717 23.39 30.81 26.36
N PRO A 718 24.41 30.70 25.53
CA PRO A 718 25.78 31.00 25.99
C PRO A 718 25.91 32.44 26.47
N ALA A 719 26.89 32.64 27.35
CA ALA A 719 27.20 33.98 27.83
C ALA A 719 27.96 34.74 26.74
N PRO A 720 27.47 35.89 26.27
CA PRO A 720 28.17 36.62 25.19
C PRO A 720 29.37 37.42 25.71
N VAL A 721 30.46 36.70 26.00
CA VAL A 721 31.64 37.29 26.62
C VAL A 721 32.86 37.25 25.71
N GLU A 722 32.67 36.95 24.42
CA GLU A 722 33.75 36.94 23.46
C GLU A 722 33.52 38.02 22.42
N PRO A 723 34.50 38.89 22.13
CA PRO A 723 34.25 40.00 21.19
C PRO A 723 34.47 39.61 19.74
N VAL A 724 34.26 40.55 18.84
CA VAL A 724 34.41 40.34 17.40
C VAL A 724 35.76 40.87 16.97
N GLN A 725 36.65 39.96 16.54
CA GLN A 725 37.86 40.37 15.87
C GLN A 725 37.53 40.87 14.47
N VAL A 726 38.25 41.89 14.02
CA VAL A 726 38.01 42.50 12.72
C VAL A 726 39.27 42.41 11.88
N GLN A 727 39.10 42.03 10.62
CA GLN A 727 40.16 42.06 9.62
C GLN A 727 39.60 42.62 8.33
N ASP A 728 40.45 42.69 7.30
CA ASP A 728 40.05 43.32 6.05
C ASP A 728 38.86 42.59 5.42
N SER A 729 38.95 41.26 5.32
CA SER A 729 37.93 40.48 4.62
C SER A 729 37.30 39.40 5.49
N GLU A 730 37.50 39.44 6.80
CA GLU A 730 36.97 38.39 7.66
C GLU A 730 36.67 38.93 9.05
N LEU A 731 35.64 38.36 9.67
CA LEU A 731 35.35 38.50 11.08
C LEU A 731 35.52 37.16 11.77
N THR A 732 35.80 37.20 13.07
CA THR A 732 35.88 35.98 13.86
C THR A 732 35.28 36.24 15.23
N LEU A 733 34.49 35.27 15.71
CA LEU A 733 33.78 35.38 16.98
C LEU A 733 33.87 34.00 17.66
N GLY A 734 34.98 33.77 18.34
CA GLY A 734 35.23 32.49 18.95
C GLY A 734 35.65 31.45 17.92
N PRO A 735 34.94 30.33 17.83
CA PRO A 735 35.29 29.30 16.85
C PRO A 735 34.72 29.57 15.46
N VAL A 736 34.05 30.69 15.24
CA VAL A 736 33.36 30.99 14.01
C VAL A 736 34.16 32.01 13.21
N VAL A 737 34.18 31.84 11.89
CA VAL A 737 34.77 32.80 10.97
C VAL A 737 33.70 33.22 9.98
N PHE A 738 33.54 34.52 9.81
CA PHE A 738 32.58 35.09 8.88
C PHE A 738 33.30 35.76 7.72
N SER A 739 32.60 35.84 6.58
CA SER A 739 33.05 36.62 5.43
C SER A 739 32.47 38.02 5.52
N ARG A 740 33.35 39.03 5.49
CA ARG A 740 32.90 40.41 5.57
C ARG A 740 31.99 40.77 4.41
N ALA A 741 32.28 40.24 3.22
CA ALA A 741 31.49 40.56 2.04
C ALA A 741 30.04 40.08 2.20
N THR A 742 29.87 38.82 2.57
CA THR A 742 28.54 38.22 2.61
C THR A 742 27.89 38.29 3.99
N GLY A 743 28.69 38.23 5.05
CA GLY A 743 28.15 38.17 6.40
C GLY A 743 27.81 36.77 6.87
N MET A 744 28.22 35.73 6.13
CA MET A 744 27.82 34.37 6.46
C MET A 744 29.02 33.56 6.94
N PRO A 745 28.80 32.58 7.82
CA PRO A 745 29.90 31.74 8.29
C PRO A 745 30.67 31.10 7.14
N THR A 746 31.99 31.03 7.32
CA THR A 746 32.85 30.20 6.49
C THR A 746 33.56 29.12 7.28
N SER A 747 33.53 29.18 8.61
CA SER A 747 34.12 28.14 9.46
C SER A 747 33.35 28.08 10.76
N ILE A 748 33.32 26.88 11.36
CA ILE A 748 32.92 26.74 12.75
C ILE A 748 33.78 25.63 13.35
N GLY A 749 34.69 26.01 14.25
CA GLY A 749 35.57 25.02 14.87
C GLY A 749 36.44 24.26 13.88
N GLY A 750 36.76 24.88 12.75
CA GLY A 750 37.58 24.24 11.74
C GLY A 750 36.80 23.59 10.62
N VAL A 751 35.47 23.65 10.65
CA VAL A 751 34.61 22.98 9.68
C VAL A 751 34.21 24.01 8.61
N PRO A 752 34.54 23.80 7.34
CA PRO A 752 34.19 24.81 6.32
C PRO A 752 32.68 24.87 6.09
N VAL A 753 32.13 26.06 6.23
CA VAL A 753 30.74 26.34 5.87
C VAL A 753 30.78 27.03 4.50
N GLU A 754 30.38 26.30 3.46
CA GLU A 754 30.38 26.88 2.12
C GLU A 754 29.15 27.72 1.85
N LYS A 755 28.09 27.57 2.65
CA LYS A 755 26.92 28.42 2.48
C LYS A 755 25.97 28.22 3.66
N LEU A 756 25.21 29.29 3.95
CA LEU A 756 24.15 29.26 4.95
C LEU A 756 23.06 30.21 4.48
N GLY A 757 21.80 29.78 4.58
CA GLY A 757 20.71 30.62 4.12
C GLY A 757 19.36 30.07 4.53
N LEU A 758 18.34 30.87 4.24
CA LEU A 758 16.96 30.51 4.52
C LEU A 758 16.45 29.50 3.50
N THR A 759 15.52 28.64 3.95
CA THR A 759 14.81 27.73 3.08
C THR A 759 13.31 27.94 3.26
N LEU A 760 12.58 27.94 2.14
CA LEU A 760 11.13 27.95 2.13
C LEU A 760 10.54 26.89 1.21
N TRP A 761 11.38 26.01 0.67
CA TRP A 761 11.01 25.13 -0.43
C TRP A 761 11.62 23.76 -0.21
N TRP A 762 10.95 22.73 -0.74
CA TRP A 762 11.53 21.40 -0.80
C TRP A 762 11.23 20.78 -2.15
N ALA A 763 12.01 19.76 -2.51
CA ALA A 763 11.80 19.06 -3.76
C ALA A 763 10.42 18.41 -3.77
N PRO A 764 9.52 18.79 -4.68
CA PRO A 764 8.13 18.32 -4.59
C PRO A 764 8.01 16.82 -4.43
N THR A 765 7.10 16.42 -3.54
CA THR A 765 6.70 15.03 -3.42
C THR A 765 5.77 14.66 -4.59
N ASP A 766 5.47 13.36 -4.70
CA ASP A 766 4.47 12.95 -5.67
C ASP A 766 3.14 13.63 -5.40
N ASN A 767 2.80 13.84 -4.12
CA ASN A 767 1.55 14.51 -3.78
C ASN A 767 1.56 15.96 -4.21
N ASP A 768 2.72 16.63 -4.12
CA ASP A 768 2.80 18.02 -4.53
C ASP A 768 2.66 18.19 -6.04
N LEU A 769 2.80 17.10 -6.81
CA LEU A 769 2.67 17.16 -8.25
C LEU A 769 1.22 16.98 -8.73
N GLY A 770 0.26 16.88 -7.81
CA GLY A 770 -1.13 16.70 -8.18
C GLY A 770 -2.00 17.89 -7.84
N ARG A 771 -3.20 17.94 -8.43
CA ARG A 771 -4.12 19.04 -8.22
C ARG A 771 -4.91 18.87 -6.93
N GLU A 772 -5.21 20.00 -6.29
CA GLU A 772 -6.18 20.06 -5.21
C GLU A 772 -7.43 20.69 -5.79
N TRP A 773 -8.40 19.85 -6.15
CA TRP A 773 -9.63 20.34 -6.74
C TRP A 773 -10.46 21.06 -5.68
N GLY A 774 -11.11 22.13 -6.08
CA GLY A 774 -11.70 23.08 -5.15
C GLY A 774 -10.87 24.35 -5.15
N GLY A 775 -11.54 25.48 -4.99
CA GLY A 775 -10.87 26.75 -5.15
C GLY A 775 -10.57 27.00 -6.61
N ALA A 776 -10.39 28.27 -6.98
CA ALA A 776 -10.17 28.64 -8.38
C ALA A 776 -8.77 28.33 -8.87
N ASP A 777 -7.90 27.75 -8.04
CA ASP A 777 -6.52 27.47 -8.40
C ASP A 777 -6.37 25.99 -8.70
N GLU A 778 -6.17 25.66 -9.98
CA GLU A 778 -6.02 24.29 -10.42
C GLU A 778 -4.57 23.89 -10.62
N ARG A 779 -3.63 24.72 -10.18
CA ARG A 779 -2.22 24.37 -10.33
C ARG A 779 -1.79 23.45 -9.20
N PRO A 780 -0.95 22.44 -9.48
CA PRO A 780 -0.35 21.66 -8.39
C PRO A 780 0.57 22.54 -7.54
N LEU A 781 0.75 22.11 -6.30
CA LEU A 781 1.57 22.89 -5.37
C LEU A 781 2.97 23.10 -5.90
N ALA A 782 3.53 22.10 -6.60
CA ALA A 782 4.86 22.25 -7.17
C ALA A 782 4.89 23.37 -8.20
N THR A 783 3.83 23.50 -8.99
CA THR A 783 3.77 24.56 -9.99
C THR A 783 3.59 25.93 -9.34
N GLN A 784 2.73 26.01 -8.32
CA GLN A 784 2.60 27.24 -7.55
C GLN A 784 3.96 27.70 -7.03
N TRP A 785 4.74 26.76 -6.49
CA TRP A 785 6.07 27.11 -5.98
C TRP A 785 6.99 27.56 -7.10
N LYS A 786 7.00 26.84 -8.22
CA LYS A 786 7.85 27.20 -9.34
C LYS A 786 7.50 28.57 -9.88
N ASP A 787 6.20 28.86 -10.05
CA ASP A 787 5.78 30.17 -10.54
C ASP A 787 6.15 31.28 -9.56
N ALA A 788 6.19 30.97 -8.27
CA ALA A 788 6.46 31.99 -7.26
C ALA A 788 7.95 32.22 -7.04
N GLY A 789 8.80 31.28 -7.46
CA GLY A 789 10.23 31.42 -7.31
C GLY A 789 10.82 30.87 -6.03
N LEU A 790 10.04 30.11 -5.25
CA LEU A 790 10.55 29.57 -4.00
C LEU A 790 11.75 28.67 -4.20
N ASN A 791 11.93 28.11 -5.39
CA ASN A 791 13.05 27.19 -5.63
C ASN A 791 14.33 27.91 -6.02
N ARG A 792 14.28 29.23 -6.25
CA ARG A 792 15.44 29.98 -6.70
C ARG A 792 15.53 31.28 -5.89
N LEU A 793 15.60 31.13 -4.57
CA LEU A 793 15.65 32.28 -3.69
C LEU A 793 16.98 33.01 -3.83
N HIS A 794 16.94 34.32 -3.64
CA HIS A 794 18.13 35.17 -3.69
C HIS A 794 18.15 36.05 -2.45
N THR A 795 19.35 36.31 -1.95
CA THR A 795 19.56 37.04 -0.71
C THR A 795 20.36 38.31 -0.98
N ARG A 796 19.92 39.42 -0.40
CA ARG A 796 20.66 40.69 -0.44
C ARG A 796 21.09 41.06 0.96
N LEU A 797 22.35 41.49 1.09
CA LEU A 797 22.88 41.92 2.37
C LEU A 797 22.48 43.37 2.64
N LEU A 798 21.92 43.61 3.82
CA LEU A 798 21.49 44.94 4.23
C LEU A 798 22.45 45.61 5.20
N GLY A 799 22.97 44.86 6.17
CA GLY A 799 23.85 45.44 7.18
C GLY A 799 24.53 44.42 8.06
N ILE A 800 25.70 44.78 8.59
CA ILE A 800 26.45 43.97 9.54
C ILE A 800 26.79 44.86 10.72
N SER A 801 26.63 44.34 11.94
CA SER A 801 26.76 45.19 13.11
C SER A 801 27.16 44.35 14.32
N ALA A 802 28.10 44.87 15.09
CA ALA A 802 28.54 44.27 16.35
C ALA A 802 28.00 45.11 17.50
N ASN A 803 27.43 44.45 18.50
CA ASN A 803 26.71 45.13 19.57
C ASN A 803 27.27 44.75 20.93
N PRO A 804 27.09 45.60 21.94
CA PRO A 804 27.66 45.33 23.27
C PRO A 804 27.05 44.07 23.88
N GLY A 805 27.92 43.16 24.31
CA GLY A 805 27.48 41.93 24.94
C GLY A 805 27.55 41.97 26.45
N GLN A 806 28.54 41.29 27.03
CA GLN A 806 28.65 41.16 28.47
C GLN A 806 30.12 40.99 28.86
N ASP A 807 30.59 41.86 29.76
CA ASP A 807 31.97 41.81 30.24
C ASP A 807 32.96 41.75 29.09
N GLY A 808 32.78 42.65 28.13
CA GLY A 808 33.68 42.80 27.00
C GLY A 808 33.19 42.17 25.71
N GLY A 809 32.40 41.10 25.81
CA GLY A 809 31.96 40.38 24.63
C GLY A 809 31.02 41.19 23.77
N GLU A 810 30.67 40.61 22.62
CA GLU A 810 29.80 41.28 21.66
C GLU A 810 28.92 40.25 20.95
N THR A 811 27.74 40.70 20.53
CA THR A 811 26.91 39.98 19.59
C THR A 811 27.16 40.51 18.18
N LEU A 812 26.79 39.71 17.19
CA LEU A 812 26.95 40.08 15.79
C LEU A 812 25.63 39.82 15.07
N THR A 813 24.98 40.90 14.62
CA THR A 813 23.72 40.81 13.91
C THR A 813 23.98 41.04 12.42
N VAL A 814 23.63 40.04 11.60
CA VAL A 814 23.67 40.16 10.15
C VAL A 814 22.23 40.28 9.66
N ARG A 815 21.96 41.34 8.89
CA ARG A 815 20.61 41.62 8.40
C ARG A 815 20.56 41.39 6.90
N THR A 816 19.56 40.62 6.46
CA THR A 816 19.42 40.23 5.06
C THR A 816 17.96 40.33 4.65
N ARG A 817 17.75 40.35 3.34
CA ARG A 817 16.41 40.26 2.76
C ARG A 817 16.42 39.20 1.67
N VAL A 818 15.50 38.24 1.77
CA VAL A 818 15.43 37.13 0.83
C VAL A 818 14.21 37.32 -0.06
N SER A 819 14.39 37.05 -1.35
CA SER A 819 13.31 37.19 -2.32
C SER A 819 13.68 36.37 -3.56
N ALA A 820 13.07 36.69 -4.70
CA ALA A 820 13.35 35.96 -5.93
C ALA A 820 13.18 36.91 -7.10
N ALA A 821 13.83 36.57 -8.21
CA ALA A 821 13.83 37.43 -9.38
C ALA A 821 12.41 37.67 -9.87
N ASP A 822 12.13 38.93 -10.23
CA ASP A 822 10.87 39.36 -10.81
C ASP A 822 9.75 39.43 -9.79
N LYS A 823 10.05 39.27 -8.50
CA LYS A 823 9.03 39.31 -7.46
C LYS A 823 9.27 40.51 -6.55
N GLN A 824 8.18 41.09 -6.04
CA GLN A 824 8.26 42.20 -5.10
C GLN A 824 8.16 41.78 -3.65
N TYR A 825 7.56 40.62 -3.35
CA TYR A 825 7.46 40.15 -1.98
C TYR A 825 8.79 39.55 -1.52
N GLY A 826 8.97 39.50 -0.20
CA GLY A 826 10.19 38.95 0.36
C GLY A 826 10.05 38.76 1.86
N VAL A 827 11.16 38.35 2.48
CA VAL A 827 11.25 38.21 3.93
C VAL A 827 12.56 38.84 4.40
N LEU A 828 12.52 39.46 5.58
CA LEU A 828 13.70 40.01 6.22
C LEU A 828 14.20 39.02 7.25
N VAL A 829 15.44 38.55 7.08
CA VAL A 829 16.03 37.54 7.96
C VAL A 829 17.21 38.17 8.67
N ASP A 830 17.21 38.11 10.00
CA ASP A 830 18.29 38.64 10.83
C ASP A 830 18.92 37.51 11.61
N TYR A 831 20.24 37.34 11.47
CA TYR A 831 21.01 36.36 12.21
C TYR A 831 21.82 37.08 13.28
N THR A 832 21.60 36.72 14.54
CA THR A 832 22.35 37.27 15.67
C THR A 832 23.18 36.14 16.28
N TRP A 833 24.50 36.31 16.24
CA TRP A 833 25.43 35.32 16.75
C TRP A 833 26.00 35.78 18.09
N SER A 834 26.35 34.79 18.92
CA SER A 834 26.96 35.06 20.21
C SER A 834 27.75 33.82 20.63
N THR A 835 28.74 34.03 21.51
CA THR A 835 29.57 32.91 21.91
C THR A 835 30.26 33.22 23.23
N ASP A 836 30.58 32.16 23.97
CA ASP A 836 31.43 32.23 25.14
C ASP A 836 32.78 31.57 24.90
N GLY A 837 33.02 31.02 23.71
CA GLY A 837 34.20 30.25 23.41
C GLY A 837 33.92 28.77 23.22
N GLU A 838 32.95 28.23 23.98
CA GLU A 838 32.57 26.83 23.87
C GLU A 838 31.49 26.62 22.82
N THR A 839 30.32 27.24 23.02
CA THR A 839 29.14 26.97 22.23
C THR A 839 28.67 28.26 21.56
N VAL A 840 28.34 28.16 20.27
CA VAL A 840 27.84 29.31 19.51
C VAL A 840 26.33 29.37 19.65
N GLY A 841 25.81 30.55 19.96
CA GLY A 841 24.38 30.79 19.99
C GLY A 841 23.96 31.53 18.74
N LEU A 842 22.81 31.14 18.18
CA LEU A 842 22.33 31.67 16.91
C LEU A 842 20.83 31.91 17.01
N ARG A 843 20.43 33.18 17.03
CA ARG A 843 19.04 33.59 16.93
C ARG A 843 18.71 33.95 15.49
N THR A 844 17.53 33.54 15.04
CA THR A 844 17.08 33.83 13.68
C THR A 844 15.68 34.42 13.75
N GLN A 845 15.50 35.58 13.14
CA GLN A 845 14.22 36.27 13.10
C GLN A 845 13.78 36.43 11.65
N VAL A 846 12.52 36.08 11.37
CA VAL A 846 11.95 36.15 10.04
C VAL A 846 10.76 37.09 10.09
N ARG A 847 10.69 38.00 9.13
CA ARG A 847 9.57 38.94 9.01
C ARG A 847 9.23 39.09 7.54
N ARG A 848 7.96 38.85 7.21
CA ARG A 848 7.55 38.91 5.81
C ARG A 848 7.36 40.36 5.40
N ASP A 849 7.75 40.67 4.16
CA ASP A 849 7.83 42.02 3.65
C ASP A 849 7.09 42.08 2.33
N GLY A 850 5.91 42.68 2.33
CA GLY A 850 5.05 42.70 1.16
C GLY A 850 3.97 41.63 1.24
N THR A 851 3.13 41.62 0.21
CA THR A 851 2.01 40.69 0.12
C THR A 851 2.44 39.49 -0.71
N TRP A 852 2.36 38.30 -0.13
CA TRP A 852 2.82 37.07 -0.77
C TRP A 852 1.69 36.48 -1.62
N VAL A 853 1.44 37.14 -2.75
CA VAL A 853 0.47 36.69 -3.73
C VAL A 853 1.16 36.63 -5.08
N ASN A 854 0.81 35.61 -5.87
CA ASN A 854 1.41 35.44 -7.20
C ASN A 854 0.38 34.81 -8.11
N ARG A 855 0.22 35.38 -9.31
CA ARG A 855 -0.80 34.97 -10.26
C ARG A 855 -2.17 34.89 -9.59
N GLY A 856 -2.43 35.82 -8.68
CA GLY A 856 -3.74 35.97 -8.08
C GLY A 856 -4.06 35.02 -6.96
N PHE A 857 -3.08 34.27 -6.45
CA PHE A 857 -3.33 33.33 -5.37
C PHE A 857 -2.24 33.44 -4.32
N GLU A 858 -2.63 33.26 -3.06
CA GLU A 858 -1.69 33.38 -1.95
C GLU A 858 -0.65 32.27 -2.02
N VAL A 859 0.62 32.66 -1.94
CA VAL A 859 1.71 31.69 -1.95
C VAL A 859 1.76 30.98 -0.61
N GLU A 860 2.09 29.69 -0.63
CA GLU A 860 2.30 28.91 0.58
C GLU A 860 3.74 28.42 0.62
N TRP A 861 4.22 28.15 1.83
CA TRP A 861 5.59 27.72 2.04
C TRP A 861 5.66 26.23 2.33
N ALA A 862 6.77 25.62 1.93
CA ALA A 862 7.06 24.25 2.32
C ALA A 862 7.66 24.17 3.71
N ARG A 863 8.31 25.24 4.18
CA ARG A 863 9.07 25.17 5.41
C ARG A 863 9.51 26.58 5.81
N ILE A 864 9.96 26.69 7.06
CA ILE A 864 10.71 27.84 7.56
C ILE A 864 11.93 27.24 8.23
N GLY A 865 13.08 27.32 7.58
CA GLY A 865 14.26 26.67 8.11
C GLY A 865 15.55 27.28 7.58
N LEU A 866 16.63 26.55 7.80
CA LEU A 866 17.97 26.95 7.39
C LEU A 866 18.68 25.79 6.72
N GLU A 867 19.47 26.09 5.70
CA GLU A 867 20.31 25.11 5.01
C GLU A 867 21.76 25.43 5.31
N PHE A 868 22.42 24.51 6.02
CA PHE A 868 23.87 24.55 6.20
C PHE A 868 24.52 23.65 5.16
N VAL A 869 25.43 24.23 4.37
CA VAL A 869 26.25 23.47 3.43
C VAL A 869 27.66 23.43 3.98
N LEU A 870 28.21 22.22 4.15
CA LEU A 870 29.51 22.03 4.76
C LEU A 870 30.45 21.35 3.77
N GLY A 871 31.74 21.70 3.87
CA GLY A 871 32.74 21.18 2.95
C GLY A 871 33.19 19.77 3.21
N GLU A 872 32.89 19.21 4.38
CA GLU A 872 33.25 17.85 4.74
C GLU A 872 32.07 16.91 4.54
N GLU A 873 32.39 15.63 4.34
CA GLU A 873 31.37 14.60 4.31
C GLU A 873 30.98 14.20 5.72
N THR A 874 29.77 13.67 5.85
CA THR A 874 29.23 13.22 7.13
C THR A 874 29.07 11.71 7.10
N GLU A 875 29.54 11.03 8.16
CA GLU A 875 29.45 9.59 8.24
C GLU A 875 28.25 9.11 9.05
N LEU A 876 27.85 9.85 10.08
CA LEU A 876 26.89 9.37 11.06
C LEU A 876 26.05 10.54 11.56
N VAL A 877 24.78 10.25 11.84
CA VAL A 877 23.85 11.24 12.36
C VAL A 877 23.17 10.67 13.60
N SER A 878 23.22 11.41 14.70
CA SER A 878 22.56 11.05 15.94
C SER A 878 21.62 12.17 16.35
N TRP A 879 20.55 11.82 17.06
CA TRP A 879 19.61 12.84 17.51
C TRP A 879 18.71 12.27 18.60
N PHE A 880 18.22 13.18 19.45
CA PHE A 880 17.14 12.87 20.38
C PHE A 880 15.86 13.51 19.84
N GLY A 881 14.84 12.68 19.64
CA GLY A 881 13.58 13.17 19.10
C GLY A 881 12.63 12.05 18.74
N GLN A 882 12.27 11.96 17.46
CA GLN A 882 11.34 10.96 16.97
C GLN A 882 12.04 10.12 15.91
N GLY A 883 11.92 8.80 16.00
CA GLY A 883 12.57 7.92 15.08
C GLY A 883 12.15 6.48 15.22
N PRO A 884 12.88 5.57 14.56
CA PRO A 884 14.03 5.89 13.72
C PRO A 884 13.69 6.56 12.37
N HIS A 885 12.47 6.41 11.88
CA HIS A 885 12.14 6.80 10.52
C HIS A 885 11.61 8.24 10.45
N GLN A 886 11.46 8.73 9.23
CA GLN A 886 11.09 10.11 8.98
C GLN A 886 9.75 10.46 9.63
N SER A 887 9.52 11.76 9.80
CA SER A 887 8.28 12.27 10.37
C SER A 887 8.05 13.70 9.89
N TYR A 888 6.88 13.92 9.31
CA TYR A 888 6.41 15.23 8.90
C TYR A 888 5.13 15.56 9.67
N PRO A 889 4.69 16.82 9.67
CA PRO A 889 3.60 17.21 10.58
C PRO A 889 2.39 16.27 10.58
N ASP A 890 1.97 15.77 9.42
CA ASP A 890 0.82 14.90 9.33
C ASP A 890 1.21 13.43 9.10
N THR A 891 2.44 13.07 9.45
CA THR A 891 2.89 11.68 9.41
C THR A 891 3.67 11.41 10.68
N GLY A 892 4.49 10.36 10.67
CA GLY A 892 5.37 10.06 11.78
C GLY A 892 4.70 9.44 12.99
N GLN A 893 3.42 9.06 12.90
CA GLN A 893 2.76 8.40 14.01
C GLN A 893 3.61 7.25 14.55
N GLY A 894 4.29 6.53 13.65
CA GLY A 894 5.11 5.40 14.06
C GLY A 894 6.44 5.77 14.67
N ALA A 895 6.90 7.00 14.49
CA ALA A 895 8.14 7.44 15.10
C ALA A 895 7.91 7.70 16.58
N ARG A 896 8.75 7.11 17.42
CA ARG A 896 8.60 7.20 18.86
C ARG A 896 9.73 8.04 19.46
N ALA A 897 9.48 8.54 20.67
CA ALA A 897 10.47 9.32 21.38
C ALA A 897 11.62 8.45 21.83
N GLY A 898 12.85 8.87 21.56
CA GLY A 898 14.01 8.10 21.98
C GLY A 898 15.30 8.68 21.43
N TRP A 899 16.35 7.85 21.51
CA TRP A 899 17.68 8.21 21.04
C TRP A 899 18.02 7.34 19.83
N PHE A 900 18.50 7.97 18.76
CA PHE A 900 18.73 7.28 17.50
C PHE A 900 20.08 7.69 16.92
N SER A 901 20.63 6.80 16.10
CA SER A 901 21.92 7.03 15.46
C SER A 901 21.99 6.13 14.23
N LEU A 902 22.35 6.72 13.08
CA LEU A 902 22.32 5.99 11.82
C LEU A 902 23.43 6.49 10.92
N PRO A 903 24.01 5.62 10.08
CA PRO A 903 24.88 6.11 9.01
C PRO A 903 24.11 6.98 8.04
N LEU A 904 24.82 7.92 7.41
CA LEU A 904 24.16 8.94 6.59
C LEU A 904 23.23 8.32 5.57
N ALA A 905 23.71 7.31 4.84
CA ALA A 905 22.92 6.75 3.74
C ALA A 905 21.59 6.19 4.23
N LYS A 906 21.52 5.76 5.48
CA LYS A 906 20.29 5.19 6.03
C LYS A 906 19.36 6.25 6.60
N MET A 907 19.73 7.53 6.55
CA MET A 907 18.78 8.60 6.83
C MET A 907 17.87 8.87 5.66
N ASP A 908 18.27 8.47 4.46
CA ASP A 908 17.50 8.70 3.24
C ASP A 908 16.37 7.67 3.12
N VAL A 909 15.54 7.85 2.09
CA VAL A 909 14.46 6.93 1.77
C VAL A 909 14.52 6.63 0.28
N GLU A 910 14.50 5.34 -0.07
CA GLU A 910 14.77 4.90 -1.44
C GLU A 910 13.52 4.91 -2.32
N TYR A 911 12.75 5.99 -2.29
CA TYR A 911 11.63 6.14 -3.20
C TYR A 911 12.11 6.04 -4.65
N VAL A 912 11.25 5.50 -5.52
CA VAL A 912 11.68 5.21 -6.89
C VAL A 912 11.94 6.51 -7.65
N ARG A 913 11.02 7.46 -7.57
CA ARG A 913 11.29 8.82 -8.04
C ARG A 913 11.80 9.63 -6.86
N PRO A 914 13.07 10.04 -6.83
CA PRO A 914 13.56 10.79 -5.67
C PRO A 914 12.77 12.06 -5.42
N GLN A 915 12.60 12.40 -4.15
CA GLN A 915 11.77 13.53 -3.75
C GLN A 915 12.07 13.84 -2.30
N GLU A 916 11.52 14.96 -1.82
CA GLU A 916 11.69 15.33 -0.43
C GLU A 916 11.33 14.17 0.49
N CYS A 917 12.20 13.91 1.46
CA CYS A 917 12.00 12.82 2.40
C CYS A 917 13.15 12.84 3.40
N GLY A 918 12.96 12.13 4.51
CA GLY A 918 14.01 11.93 5.48
C GLY A 918 14.07 12.95 6.60
N ALA A 919 13.13 13.90 6.66
CA ALA A 919 13.11 14.87 7.75
C ALA A 919 12.71 14.19 9.05
N ARG A 920 13.30 14.65 10.15
CA ARG A 920 13.06 14.12 11.49
C ARG A 920 12.45 15.22 12.33
N SER A 921 11.12 15.24 12.41
CA SER A 921 10.43 16.25 13.19
C SER A 921 10.49 15.93 14.69
N GLY A 922 10.34 16.97 15.50
CA GLY A 922 10.37 16.80 16.94
C GLY A 922 11.75 16.57 17.51
N SER A 923 12.80 16.98 16.81
CA SER A 923 14.16 16.81 17.30
C SER A 923 14.48 17.89 18.32
N ARG A 924 15.14 17.47 19.40
CA ARG A 924 15.64 18.40 20.42
C ARG A 924 17.15 18.59 20.36
N SER A 925 17.89 17.58 19.89
CA SER A 925 19.34 17.68 19.77
C SER A 925 19.80 16.78 18.64
N ALA A 926 20.99 17.09 18.10
CA ALA A 926 21.51 16.34 16.97
C ALA A 926 23.04 16.38 17.00
N ALA A 927 23.65 15.43 16.30
CA ALA A 927 25.10 15.29 16.28
C ALA A 927 25.53 14.66 14.98
N LEU A 928 26.36 15.39 14.21
CA LEU A 928 26.91 14.90 12.96
C LEU A 928 28.40 14.65 13.14
N GLN A 929 28.85 13.46 12.74
CA GLN A 929 30.27 13.11 12.77
C GLN A 929 30.85 13.35 11.39
N LEU A 930 31.73 14.34 11.28
CA LEU A 930 32.46 14.64 10.05
C LEU A 930 33.93 14.32 10.28
N GLY A 931 34.39 13.19 9.73
CA GLY A 931 35.75 12.75 9.96
C GLY A 931 36.05 12.55 11.42
N GLY A 932 36.89 13.42 11.98
CA GLY A 932 37.31 13.29 13.37
C GLY A 932 36.54 14.19 14.33
N ARG A 933 35.82 15.17 13.79
CA ARG A 933 35.08 16.13 14.60
C ARG A 933 33.60 15.77 14.64
N THR A 934 32.86 16.50 15.49
CA THR A 934 31.44 16.27 15.67
C THR A 934 30.73 17.60 15.87
N LEU A 935 29.72 17.86 15.06
CA LEU A 935 28.94 19.09 15.12
C LEU A 935 27.62 18.81 15.85
N GLU A 936 27.38 19.53 16.93
CA GLU A 936 26.19 19.36 17.77
C GLU A 936 25.26 20.54 17.58
N ILE A 937 23.97 20.25 17.40
CA ILE A 937 22.93 21.26 17.33
C ILE A 937 21.93 21.01 18.45
N CYS A 938 21.51 22.08 19.13
CA CYS A 938 20.50 22.01 20.16
C CYS A 938 19.53 23.17 19.98
N GLY A 939 18.42 23.12 20.70
CA GLY A 939 17.45 24.18 20.66
C GLY A 939 16.04 23.63 20.81
N ASP A 940 15.08 24.56 20.79
CA ASP A 940 13.68 24.18 20.82
C ASP A 940 13.38 23.26 19.65
N PRO A 941 12.26 22.54 19.70
CA PRO A 941 12.00 21.50 18.69
C PRO A 941 12.19 21.99 17.28
N PHE A 942 12.99 21.24 16.52
CA PHE A 942 13.23 21.52 15.10
C PHE A 942 13.19 20.20 14.34
N ALA A 943 13.21 20.29 13.01
CA ALA A 943 13.29 19.13 12.15
C ALA A 943 14.67 19.04 11.52
N LEU A 944 15.17 17.81 11.38
CA LEU A 944 16.55 17.55 10.98
C LEU A 944 16.57 16.71 9.71
N THR A 945 17.33 17.17 8.71
CA THR A 945 17.58 16.42 7.50
C THR A 945 19.03 16.58 7.11
N VAL A 946 19.67 15.49 6.70
CA VAL A 946 21.07 15.49 6.29
C VAL A 946 21.19 14.66 5.02
N ARG A 947 21.77 15.24 3.97
CA ARG A 947 21.92 14.55 2.69
C ARG A 947 23.32 14.80 2.15
N PRO A 948 23.83 13.89 1.32
CA PRO A 948 25.10 14.14 0.61
C PRO A 948 24.96 14.85 -0.73
N TYR A 949 23.78 15.38 -1.06
CA TYR A 949 23.55 16.06 -2.32
C TYR A 949 22.62 17.23 -2.09
N SER A 950 22.47 18.06 -3.13
CA SER A 950 21.70 19.29 -3.04
C SER A 950 20.22 19.04 -3.29
N GLN A 951 19.41 20.06 -3.01
CA GLN A 951 17.97 19.96 -3.25
C GLN A 951 17.66 19.98 -4.74
N ASP A 952 18.40 20.77 -5.52
CA ASP A 952 18.17 20.82 -6.95
C ASP A 952 18.51 19.49 -7.62
N VAL A 953 19.61 18.85 -7.19
CA VAL A 953 19.96 17.54 -7.71
C VAL A 953 18.85 16.54 -7.39
N LEU A 954 18.25 16.67 -6.21
CA LEU A 954 17.16 15.77 -5.82
C LEU A 954 15.91 16.00 -6.65
N ASP A 955 15.55 17.27 -6.88
CA ASP A 955 14.36 17.56 -7.66
C ASP A 955 14.52 17.11 -9.11
N ALA A 956 15.73 17.25 -9.67
CA ALA A 956 15.97 16.89 -11.06
C ALA A 956 15.94 15.38 -11.25
N ALA A 957 16.49 14.63 -10.29
CA ALA A 957 16.63 13.19 -10.44
C ALA A 957 15.27 12.54 -10.68
N ALA A 958 15.22 11.64 -11.67
CA ALA A 958 14.03 10.84 -11.94
C ALA A 958 14.14 9.43 -11.40
N HIS A 959 15.36 8.92 -11.23
CA HIS A 959 15.60 7.61 -10.63
C HIS A 959 16.75 7.73 -9.64
N ARG A 960 16.95 6.67 -8.85
CA ARG A 960 18.00 6.71 -7.84
C ARG A 960 19.39 6.93 -8.43
N PRO A 961 19.78 6.29 -9.54
CA PRO A 961 21.14 6.49 -10.06
C PRO A 961 21.49 7.94 -10.35
N ASP A 962 20.49 8.78 -10.64
CA ASP A 962 20.74 10.19 -10.93
C ASP A 962 21.19 10.97 -9.69
N LEU A 963 21.22 10.34 -8.52
CA LEU A 963 21.71 10.98 -7.31
C LEU A 963 23.21 10.70 -7.17
N LYS A 964 23.99 11.76 -7.00
CA LYS A 964 25.43 11.64 -6.86
C LYS A 964 25.89 12.53 -5.71
N ALA A 965 26.65 11.96 -4.79
CA ALA A 965 27.27 12.75 -3.73
C ALA A 965 28.37 13.63 -4.30
N ASP A 966 28.46 14.87 -3.83
CA ASP A 966 29.42 15.84 -4.34
C ASP A 966 30.46 16.23 -3.29
N GLY A 967 30.68 15.37 -2.29
CA GLY A 967 31.68 15.63 -1.27
C GLY A 967 31.25 16.55 -0.15
N ARG A 968 30.06 17.14 -0.22
CA ARG A 968 29.60 18.08 0.78
C ARG A 968 28.59 17.41 1.72
N THR A 969 28.13 18.20 2.69
CA THR A 969 27.08 17.78 3.63
C THR A 969 26.02 18.86 3.64
N TYR A 970 24.80 18.50 3.24
CA TYR A 970 23.67 19.43 3.24
C TYR A 970 22.84 19.17 4.49
N LEU A 971 22.84 20.13 5.41
CA LEU A 971 22.16 20.01 6.69
C LEU A 971 20.99 20.99 6.73
N TYR A 972 19.83 20.49 7.13
CA TYR A 972 18.60 21.27 7.15
C TYR A 972 18.02 21.28 8.56
N VAL A 973 17.80 22.49 9.09
CA VAL A 973 17.22 22.69 10.41
C VAL A 973 15.99 23.56 10.21
N ASP A 974 14.81 22.97 10.42
CA ASP A 974 13.55 23.63 10.12
C ASP A 974 12.84 23.99 11.42
N HIS A 975 12.37 25.23 11.52
CA HIS A 975 11.54 25.65 12.64
C HIS A 975 10.08 25.30 12.41
N ALA A 976 9.64 25.30 11.15
CA ALA A 976 8.28 24.94 10.79
C ALA A 976 8.33 24.10 9.53
N LEU A 977 7.36 23.18 9.40
CA LEU A 977 7.24 22.34 8.23
C LEU A 977 5.79 22.25 7.80
N ARG A 978 5.59 22.01 6.52
CA ARG A 978 4.25 21.81 5.92
C ARG A 978 3.99 20.30 5.86
N GLY A 979 2.73 19.91 5.85
CA GLY A 979 2.33 18.52 5.72
C GLY A 979 2.62 17.97 4.33
N VAL A 980 2.33 16.68 4.16
CA VAL A 980 2.52 16.01 2.89
C VAL A 980 1.20 15.61 2.23
N GLY A 981 0.17 15.29 3.01
CA GLY A 981 -1.15 15.03 2.48
C GLY A 981 -1.21 13.80 1.59
N THR A 982 -2.21 13.79 0.71
CA THR A 982 -2.42 12.72 -0.27
C THR A 982 -2.98 13.29 -1.58
N ALA A 983 -2.51 14.47 -1.97
CA ALA A 983 -3.07 15.16 -3.13
C ALA A 983 -2.80 14.43 -4.43
N ALA A 984 -1.86 13.48 -4.47
CA ALA A 984 -1.67 12.70 -5.69
C ALA A 984 -2.97 12.01 -6.11
N CYS A 985 -3.81 11.66 -5.13
CA CYS A 985 -5.14 11.13 -5.42
C CYS A 985 -5.93 11.21 -4.10
N GLY A 986 -6.82 12.19 -4.01
CA GLY A 986 -7.59 12.42 -2.81
C GLY A 986 -7.22 13.72 -2.12
N PRO A 987 -7.54 13.84 -0.83
CA PRO A 987 -7.35 15.11 -0.13
C PRO A 987 -5.88 15.55 -0.08
N GLY A 988 -5.69 16.86 -0.14
CA GLY A 988 -4.39 17.47 0.08
C GLY A 988 -4.15 17.68 1.56
N VAL A 989 -3.15 18.50 1.85
CA VAL A 989 -2.82 18.79 3.25
C VAL A 989 -4.04 19.40 3.93
N LEU A 990 -4.36 18.88 5.11
CA LEU A 990 -5.47 19.41 5.89
C LEU A 990 -5.12 20.80 6.41
N GLU A 991 -6.18 21.58 6.69
CA GLU A 991 -6.01 22.98 7.08
C GLU A 991 -4.95 23.15 8.15
N GLN A 992 -5.04 22.34 9.23
CA GLN A 992 -4.18 22.54 10.38
C GLN A 992 -2.70 22.25 10.10
N TYR A 993 -2.38 21.60 8.99
CA TYR A 993 -0.99 21.30 8.64
C TYR A 993 -0.45 22.18 7.53
N ARG A 994 -1.25 23.11 7.02
CA ARG A 994 -0.77 24.03 6.01
C ARG A 994 0.21 25.04 6.62
N LEU A 995 0.91 25.76 5.77
CA LEU A 995 1.96 26.70 6.21
C LEU A 995 1.89 27.95 5.36
N LYS A 996 1.12 28.93 5.82
CA LYS A 996 1.01 30.21 5.15
C LYS A 996 2.21 31.10 5.54
N PRO A 997 2.57 32.06 4.67
CA PRO A 997 3.68 32.96 5.03
C PRO A 997 3.36 33.71 6.32
N ARG A 998 4.35 33.79 7.19
CA ARG A 998 4.16 34.45 8.47
C ARG A 998 5.51 34.84 9.06
N ASP A 999 5.46 35.68 10.09
CA ASP A 999 6.64 35.98 10.88
C ASP A 999 6.98 34.81 11.78
N ALA A 1000 8.26 34.70 12.13
CA ALA A 1000 8.71 33.58 12.95
C ALA A 1000 10.03 33.94 13.61
N ASP A 1001 10.34 33.23 14.68
CA ASP A 1001 11.53 33.48 15.49
C ASP A 1001 11.92 32.18 16.18
N PHE A 1002 13.19 31.81 16.11
CA PHE A 1002 13.64 30.58 16.77
C PHE A 1002 15.12 30.69 17.14
N ILE A 1003 15.45 30.12 18.30
CA ILE A 1003 16.81 30.14 18.84
C ILE A 1003 17.43 28.77 18.63
N LEU A 1004 18.77 28.73 18.68
CA LEU A 1004 19.49 27.52 18.33
C LEU A 1004 20.94 27.68 18.78
N THR A 1005 21.52 26.60 19.30
CA THR A 1005 22.91 26.60 19.76
C THR A 1005 23.70 25.55 18.99
N LEU A 1006 24.96 25.88 18.68
CA LEU A 1006 25.86 25.01 17.95
C LEU A 1006 27.13 24.77 18.77
N LYS A 1007 27.84 23.70 18.44
CA LYS A 1007 29.10 23.39 19.11
C LYS A 1007 29.86 22.35 18.29
N VAL A 1008 31.18 22.50 18.24
CA VAL A 1008 32.07 21.58 17.55
C VAL A 1008 33.09 21.07 18.55
N ARG A 1009 33.25 19.75 18.60
CA ARG A 1009 34.23 19.10 19.46
C ARG A 1009 35.02 18.09 18.64
N SER A 1010 36.34 18.06 18.84
CA SER A 1010 37.19 17.10 18.14
C SER A 1010 37.56 15.95 19.08
C1 GAL B . -5.35 -9.06 13.62
C2 GAL B . -4.12 -8.44 12.98
C3 GAL B . -2.89 -8.87 13.74
C4 GAL B . -3.05 -8.50 15.21
C5 GAL B . -4.36 -9.09 15.74
C6 GAL B . -4.62 -8.75 17.20
O1 GAL B . -6.50 -8.65 12.89
O2 GAL B . -4.07 -8.86 11.61
O3 GAL B . -1.73 -8.25 13.19
O4 GAL B . -3.02 -7.07 15.35
O5 GAL B . -5.47 -8.63 14.97
O6 GAL B . -5.95 -9.13 17.55
C1 GAL C . -21.82 8.35 -10.17
C2 GAL C . -20.66 9.14 -9.53
C3 GAL C . -19.75 9.76 -10.58
C4 GAL C . -19.27 8.69 -11.56
C5 GAL C . -20.47 7.95 -12.12
C6 GAL C . -20.13 6.77 -13.04
O1 GAL C . -22.58 7.68 -9.21
O2 GAL C . -21.14 10.21 -8.71
O3 GAL C . -18.60 10.33 -9.99
O4 GAL C . -18.41 7.77 -10.89
O5 GAL C . -21.30 7.40 -11.08
O6 GAL C . -21.29 6.23 -13.64
#